data_4HKV
#
_entry.id   4HKV
#
_cell.length_a   140.102
_cell.length_b   140.102
_cell.length_c   208.495
_cell.angle_alpha   90.000
_cell.angle_beta   90.000
_cell.angle_gamma   120.000
#
_symmetry.space_group_name_H-M   'H 3 2'
#
loop_
_entity.id
_entity.type
_entity.pdbx_description
1 polymer 'Naphthalene 1,2-dioxygenase subunit alpha'
2 polymer 'Naphthalene 1,2-dioxygenase subunit beta'
3 non-polymer 1,2-ETHANEDIOL
4 non-polymer 'SULFATE ION'
5 non-polymer 'FE2/S2 (INORGANIC) CLUSTER'
6 non-polymer 'FE (III) ION'
7 non-polymer BENZAMIDE
8 water water
#
loop_
_entity_poly.entity_id
_entity_poly.type
_entity_poly.pdbx_seq_one_letter_code
_entity_poly.pdbx_strand_id
1 'polypeptide(L)'
;MNYNNKILVSESGLSQKHLIHGDEELFQHELKTIFARNWLFLTHDSLIPAPGDYVTAKMGIDEVIVSRQNDGSIRAFLNV
CRHRGKTLVSVEAGNAKGFVCSYHGWGFGSNGELQSVPFEKDLYGESLNKKCLGLKEVARVESFHGFIYGCFDQEAPPLM
DYLGDAAWYLEPMFKHSGGLELVGPPGKVVIKANWKAPAENFVGDAYHVGWTHASSLRSGESIFSSLAGNAALPPEGAGL
QMTSKYGSGMGVLWDGYSGVHSADLVPELMAFGGAKQERLNKEIGDVRARIYRSHLNCTVFPNNSMLTCSGVFKVWNPID
ANTTEVWTYAIVEKDMPEDLKRRLADSVQRTFGPAGFWESDDNDNMETASQNGKKYQSRDSDLLSNLGFGEDVYGDAVYP
GVVGKSAIGETSYRGFYRAYQAHVSSSNWAEFEHASSTWHTELTKTTDR
;
A
2 'polypeptide(L)'
;MMINIQEDKLVSAHDAEEILRFFNCHDSALQQEATTLLTQEAHLLDIQAYRAWLEHCVGSEVQYQVISRELRAASERRYK
LNEAMNVYNENFQQLKVRVEHQLDPQNWGNSPKLRFTRFITNVQAAMDVNDKELLHIRSNVILHRARRGNQVDVFYAARE
DKWKRGEGGVRKLVQRFVDYPERILQTHNLMVFL
;
B
#
loop_
_chem_comp.id
_chem_comp.type
_chem_comp.name
_chem_comp.formula
EDO non-polymer 1,2-ETHANEDIOL 'C2 H6 O2'
FE non-polymer 'FE (III) ION' 'Fe 3'
FES non-polymer 'FE2/S2 (INORGANIC) CLUSTER' 'Fe2 S2'
SO4 non-polymer 'SULFATE ION' 'O4 S -2'
UNU non-polymer BENZAMIDE 'C7 H7 N O'
#
# COMPACT_ATOMS: atom_id res chain seq x y z
N MET A 1 -5.46 11.13 30.61
CA MET A 1 -6.39 10.02 30.55
C MET A 1 -5.78 8.79 31.23
N ASN A 2 -6.57 8.10 32.07
CA ASN A 2 -6.11 6.88 32.73
C ASN A 2 -6.49 5.67 31.88
N TYR A 3 -5.53 5.07 31.19
CA TYR A 3 -5.83 3.99 30.25
C TYR A 3 -6.21 2.67 30.92
N ASN A 4 -5.97 2.57 32.22
CA ASN A 4 -6.40 1.39 32.97
C ASN A 4 -7.91 1.36 33.14
N ASN A 5 -8.49 2.56 33.25
CA ASN A 5 -9.89 2.72 33.63
C ASN A 5 -10.79 3.22 32.49
N LYS A 6 -10.25 4.07 31.63
CA LYS A 6 -11.06 4.69 30.57
C LYS A 6 -11.64 3.65 29.64
N ILE A 7 -12.97 3.64 29.53
CA ILE A 7 -13.62 2.75 28.59
C ILE A 7 -13.59 3.41 27.22
N LEU A 8 -12.63 3.02 26.39
CA LEU A 8 -12.53 3.53 25.02
C LEU A 8 -13.33 2.67 24.06
N VAL A 9 -13.48 1.39 24.42
CA VAL A 9 -14.26 0.44 23.62
C VAL A 9 -15.25 -0.22 24.57
N SER A 10 -16.53 -0.20 24.22
CA SER A 10 -17.55 -0.73 25.12
C SER A 10 -17.54 -2.27 25.11
N GLU A 11 -18.24 -2.87 26.06
CA GLU A 11 -18.28 -4.33 26.12
C GLU A 11 -18.71 -4.94 24.79
N SER A 12 -18.04 -6.04 24.43
CA SER A 12 -18.30 -6.79 23.21
C SER A 12 -17.85 -6.05 21.96
N GLY A 13 -17.15 -4.94 22.16
CA GLY A 13 -16.62 -4.18 21.04
C GLY A 13 -17.71 -3.46 20.27
N LEU A 14 -18.84 -3.22 20.92
CA LEU A 14 -20.03 -2.69 20.25
C LEU A 14 -19.89 -1.23 19.79
N SER A 15 -19.03 -0.49 20.48
CA SER A 15 -18.81 0.91 20.12
C SER A 15 -17.44 1.37 20.58
N GLN A 16 -16.94 2.45 19.99
CA GLN A 16 -15.67 3.05 20.40
C GLN A 16 -15.83 4.56 20.51
N LYS A 17 -15.12 5.17 21.46
CA LYS A 17 -15.13 6.63 21.55
C LYS A 17 -14.43 7.23 20.34
N HIS A 18 -15.04 8.27 19.75
CA HIS A 18 -14.54 8.83 18.49
C HIS A 18 -13.12 9.42 18.67
N LEU A 19 -12.81 9.85 19.89
CA LEU A 19 -11.48 10.40 20.19
C LEU A 19 -10.35 9.43 19.85
N ILE A 20 -10.64 8.13 19.79
CA ILE A 20 -9.54 7.21 19.50
C ILE A 20 -8.87 7.49 18.13
N HIS A 21 -9.57 8.14 17.22
CA HIS A 21 -9.01 8.49 15.90
C HIS A 21 -8.30 9.85 15.88
N GLY A 22 -8.37 10.59 16.98
CA GLY A 22 -7.83 11.94 16.99
C GLY A 22 -6.90 12.32 18.14
N ASP A 23 -6.92 11.55 19.22
CA ASP A 23 -6.23 11.99 20.44
C ASP A 23 -4.72 11.72 20.36
N GLU A 24 -3.89 12.77 20.40
CA GLU A 24 -2.45 12.57 20.29
C GLU A 24 -1.82 11.90 21.51
N GLU A 25 -2.38 12.11 22.69
CA GLU A 25 -1.85 11.42 23.87
C GLU A 25 -2.09 9.92 23.74
N LEU A 26 -3.26 9.55 23.21
CA LEU A 26 -3.55 8.14 22.97
C LEU A 26 -2.62 7.58 21.89
N PHE A 27 -2.35 8.36 20.85
CA PHE A 27 -1.42 7.92 19.82
C PHE A 27 -0.08 7.57 20.48
N GLN A 28 0.41 8.45 21.36
CA GLN A 28 1.68 8.18 22.01
C GLN A 28 1.61 6.93 22.87
N HIS A 29 0.47 6.72 23.53
CA HIS A 29 0.26 5.51 24.31
C HIS A 29 0.21 4.26 23.43
N GLU A 30 -0.34 4.37 22.23
CA GLU A 30 -0.35 3.25 21.29
C GLU A 30 1.05 2.84 20.85
N LEU A 31 1.97 3.81 20.79
CA LEU A 31 3.34 3.47 20.40
C LEU A 31 3.89 2.44 21.36
N LYS A 32 3.55 2.58 22.63
CA LYS A 32 3.96 1.63 23.68
C LYS A 32 3.12 0.34 23.71
N THR A 33 1.81 0.48 23.73
CA THR A 33 0.95 -0.68 24.04
C THR A 33 0.46 -1.43 22.81
N ILE A 34 0.56 -0.79 21.65
CA ILE A 34 0.19 -1.43 20.39
C ILE A 34 1.43 -1.76 19.56
N PHE A 35 2.19 -0.73 19.17
CA PHE A 35 3.27 -0.94 18.21
C PHE A 35 4.54 -1.54 18.78
N ALA A 36 4.85 -1.27 20.05
CA ALA A 36 6.05 -1.86 20.65
C ALA A 36 5.79 -3.27 21.17
N ARG A 37 4.52 -3.68 21.14
CA ARG A 37 4.11 -4.95 21.76
C ARG A 37 3.75 -6.03 20.75
N ASN A 38 3.26 -5.62 19.58
CA ASN A 38 2.64 -6.57 18.66
C ASN A 38 3.50 -6.87 17.43
N TRP A 39 3.05 -7.83 16.61
CA TRP A 39 3.79 -8.19 15.40
C TRP A 39 3.45 -7.24 14.25
N LEU A 40 4.50 -6.75 13.59
CA LEU A 40 4.36 -5.75 12.53
C LEU A 40 5.02 -6.24 11.25
N PHE A 41 4.40 -5.95 10.10
CA PHE A 41 4.95 -6.44 8.85
C PHE A 41 6.22 -5.72 8.45
N LEU A 42 7.23 -6.48 8.05
CA LEU A 42 8.52 -5.94 7.61
C LEU A 42 8.75 -6.07 6.12
N THR A 43 8.78 -7.32 5.63
CA THR A 43 9.13 -7.55 4.23
C THR A 43 8.77 -8.98 3.85
N HIS A 44 9.15 -9.37 2.65
CA HIS A 44 8.93 -10.74 2.18
C HIS A 44 10.27 -11.30 1.73
N ASP A 45 10.42 -12.63 1.84
CA ASP A 45 11.60 -13.34 1.32
C ASP A 45 11.96 -12.89 -0.09
N SER A 46 10.94 -12.67 -0.92
CA SER A 46 11.14 -12.33 -2.33
C SER A 46 11.82 -10.97 -2.54
N LEU A 47 11.81 -10.13 -1.50
CA LEU A 47 12.43 -8.81 -1.58
C LEU A 47 13.85 -8.81 -1.00
N ILE A 48 14.14 -9.77 -0.14
CA ILE A 48 15.53 -9.92 0.34
C ILE A 48 16.01 -11.36 0.25
N PRO A 49 16.06 -11.91 -0.98
CA PRO A 49 16.31 -13.36 -1.11
C PRO A 49 17.75 -13.82 -0.89
N ALA A 50 18.72 -12.95 -1.15
CA ALA A 50 20.14 -13.34 -1.11
C ALA A 50 20.85 -12.76 0.08
N PRO A 51 21.90 -13.43 0.57
CA PRO A 51 22.74 -12.91 1.65
C PRO A 51 23.19 -11.49 1.37
N GLY A 52 22.99 -10.61 2.34
CA GLY A 52 23.38 -9.22 2.19
C GLY A 52 22.25 -8.32 1.72
N ASP A 53 21.19 -8.90 1.17
CA ASP A 53 20.06 -8.08 0.73
C ASP A 53 19.40 -7.47 1.96
N TYR A 54 19.00 -6.21 1.85
CA TYR A 54 18.34 -5.55 2.97
C TYR A 54 17.26 -4.62 2.46
N VAL A 55 16.29 -4.32 3.32
CA VAL A 55 15.36 -3.24 3.05
C VAL A 55 15.23 -2.43 4.32
N THR A 56 14.70 -1.21 4.21
CA THR A 56 14.27 -0.50 5.41
C THR A 56 12.76 -0.62 5.54
N ALA A 57 12.27 -0.59 6.77
CA ALA A 57 10.85 -0.73 7.04
C ALA A 57 10.52 0.12 8.25
N LYS A 58 9.25 0.50 8.41
CA LYS A 58 8.81 1.15 9.64
C LYS A 58 8.26 0.10 10.58
N MET A 59 8.47 0.28 11.88
CA MET A 59 7.77 -0.47 12.93
C MET A 59 7.21 0.60 13.86
N GLY A 60 5.93 0.89 13.73
CA GLY A 60 5.39 2.08 14.39
C GLY A 60 6.05 3.30 13.76
N ILE A 61 6.55 4.20 14.59
CA ILE A 61 7.28 5.36 14.07
C ILE A 61 8.79 5.14 13.97
N ASP A 62 9.25 3.99 14.45
CA ASP A 62 10.66 3.66 14.34
C ASP A 62 10.99 3.11 12.96
N GLU A 63 12.22 3.32 12.51
CA GLU A 63 12.67 2.71 11.25
C GLU A 63 13.70 1.63 11.53
N VAL A 64 13.57 0.50 10.82
CA VAL A 64 14.51 -0.60 11.01
C VAL A 64 15.15 -1.02 9.70
N ILE A 65 16.33 -1.62 9.80
CA ILE A 65 17.00 -2.26 8.68
C ILE A 65 16.73 -3.75 8.81
N VAL A 66 16.28 -4.39 7.73
CA VAL A 66 15.92 -5.81 7.75
C VAL A 66 16.86 -6.52 6.79
N SER A 67 17.71 -7.41 7.30
CA SER A 67 18.83 -7.93 6.52
C SER A 67 18.88 -9.45 6.46
N ARG A 68 19.10 -9.99 5.26
CA ARG A 68 19.34 -11.42 5.09
C ARG A 68 20.76 -11.77 5.50
N GLN A 69 20.87 -12.65 6.48
CA GLN A 69 22.14 -13.09 7.04
C GLN A 69 22.77 -14.16 6.16
N ASN A 70 24.06 -14.41 6.35
CA ASN A 70 24.76 -15.43 5.58
C ASN A 70 24.19 -16.83 5.77
N ASP A 71 23.64 -17.10 6.96
CA ASP A 71 23.08 -18.41 7.26
C ASP A 71 21.64 -18.59 6.77
N GLY A 72 21.11 -17.56 6.11
CA GLY A 72 19.77 -17.65 5.55
C GLY A 72 18.68 -17.09 6.45
N SER A 73 19.03 -16.73 7.68
CA SER A 73 18.06 -16.14 8.59
C SER A 73 17.90 -14.66 8.27
N ILE A 74 16.95 -14.02 8.94
CA ILE A 74 16.76 -12.58 8.77
C ILE A 74 16.85 -11.93 10.14
N ARG A 75 17.61 -10.85 10.23
CA ARG A 75 17.65 -10.07 11.47
C ARG A 75 17.29 -8.62 11.16
N ALA A 76 16.74 -7.92 12.15
CA ALA A 76 16.33 -6.53 11.95
C ALA A 76 16.87 -5.67 13.07
N PHE A 77 17.24 -4.43 12.75
CA PHE A 77 17.90 -3.54 13.69
C PHE A 77 17.38 -2.12 13.53
N LEU A 78 17.34 -1.37 14.62
CA LEU A 78 17.02 0.04 14.53
C LEU A 78 17.98 0.71 13.58
N ASN A 79 17.44 1.55 12.72
CA ASN A 79 18.24 2.28 11.74
C ASN A 79 18.83 3.54 12.39
N VAL A 80 19.59 3.34 13.47
CA VAL A 80 20.12 4.44 14.27
C VAL A 80 21.53 4.08 14.75
N CYS A 81 22.50 4.93 14.45
CA CYS A 81 23.87 4.67 14.86
C CYS A 81 24.04 4.70 16.38
N ARG A 82 24.88 3.78 16.90
CA ARG A 82 25.07 3.66 18.35
C ARG A 82 25.99 4.73 18.93
N HIS A 83 26.60 5.55 18.06
CA HIS A 83 27.49 6.61 18.52
C HIS A 83 26.68 7.85 18.89
N ARG A 84 26.38 8.71 17.92
CA ARG A 84 25.60 9.93 18.18
C ARG A 84 24.21 9.93 17.53
N GLY A 85 23.73 8.75 17.13
CA GLY A 85 22.31 8.58 16.82
C GLY A 85 21.83 8.99 15.44
N LYS A 86 22.76 9.14 14.50
CA LYS A 86 22.42 9.48 13.12
C LYS A 86 21.71 8.31 12.45
N THR A 87 20.83 8.60 11.50
CA THR A 87 20.20 7.53 10.74
C THR A 87 21.24 6.85 9.87
N LEU A 88 21.34 5.53 9.99
CA LEU A 88 22.43 4.80 9.38
C LEU A 88 22.26 4.62 7.87
N VAL A 89 21.07 4.19 7.46
CA VAL A 89 20.78 3.84 6.07
C VAL A 89 19.73 4.79 5.49
N SER A 90 20.03 5.38 4.34
CA SER A 90 19.17 6.41 3.75
C SER A 90 18.42 5.90 2.51
N VAL A 91 18.66 4.65 2.13
CA VAL A 91 17.99 4.07 0.99
C VAL A 91 16.93 3.08 1.44
N GLU A 92 16.12 2.59 0.50
CA GLU A 92 15.00 1.72 0.82
C GLU A 92 15.35 0.24 0.67
N ALA A 93 16.31 -0.06 -0.21
CA ALA A 93 16.69 -1.44 -0.46
C ALA A 93 18.10 -1.49 -1.05
N GLY A 94 18.78 -2.62 -0.88
CA GLY A 94 20.09 -2.77 -1.49
C GLY A 94 20.73 -4.09 -1.11
N ASN A 95 22.01 -4.22 -1.42
CA ASN A 95 22.80 -5.37 -0.98
C ASN A 95 24.14 -4.90 -0.43
N ALA A 96 24.48 -5.33 0.78
CA ALA A 96 25.71 -4.89 1.42
C ALA A 96 26.14 -5.85 2.51
N LYS A 97 27.43 -5.84 2.83
CA LYS A 97 27.95 -6.64 3.93
C LYS A 97 27.87 -5.90 5.26
N GLY A 98 27.52 -4.62 5.16
CA GLY A 98 27.38 -3.80 6.36
C GLY A 98 27.04 -2.37 5.99
N PHE A 99 27.00 -1.52 7.01
CA PHE A 99 26.51 -0.16 6.87
C PHE A 99 27.44 0.77 7.61
N VAL A 100 27.94 1.78 6.91
CA VAL A 100 28.86 2.75 7.48
C VAL A 100 28.17 4.07 7.73
N CYS A 101 28.29 4.59 8.95
CA CYS A 101 27.63 5.84 9.30
C CYS A 101 28.35 7.04 8.65
N SER A 102 27.58 7.95 8.05
CA SER A 102 28.18 9.07 7.34
C SER A 102 28.62 10.21 8.26
N TYR A 103 28.43 10.05 9.57
CA TYR A 103 28.83 11.11 10.50
C TYR A 103 30.30 10.92 10.89
N HIS A 104 30.60 9.88 11.66
CA HIS A 104 31.99 9.59 12.05
C HIS A 104 32.53 8.27 11.51
N GLY A 105 31.78 7.60 10.64
CA GLY A 105 32.31 6.47 9.91
C GLY A 105 32.32 5.12 10.61
N TRP A 106 31.57 4.98 11.71
CA TRP A 106 31.43 3.67 12.37
C TRP A 106 30.79 2.68 11.41
N GLY A 107 31.35 1.47 11.37
CA GLY A 107 30.87 0.46 10.44
C GLY A 107 30.25 -0.72 11.15
N PHE A 108 28.98 -0.99 10.82
CA PHE A 108 28.24 -2.09 11.42
C PHE A 108 28.05 -3.20 10.39
N GLY A 109 28.11 -4.45 10.84
CA GLY A 109 27.90 -5.56 9.92
C GLY A 109 26.42 -5.73 9.60
N SER A 110 26.12 -6.54 8.59
CA SER A 110 24.76 -6.94 8.29
C SER A 110 24.13 -7.67 9.48
N ASN A 111 24.97 -8.15 10.41
CA ASN A 111 24.49 -8.80 11.63
C ASN A 111 24.39 -7.84 12.81
N GLY A 112 24.48 -6.53 12.52
CA GLY A 112 24.29 -5.54 13.57
C GLY A 112 25.51 -5.24 14.42
N GLU A 113 26.56 -6.03 14.28
CA GLU A 113 27.73 -5.87 15.14
C GLU A 113 28.53 -4.63 14.78
N LEU A 114 29.08 -3.93 15.77
CA LEU A 114 30.02 -2.85 15.48
C LEU A 114 31.33 -3.50 15.08
N GLN A 115 31.66 -3.41 13.79
CA GLN A 115 32.81 -4.15 13.25
C GLN A 115 34.04 -3.28 13.09
N SER A 116 33.85 -1.99 12.81
CA SER A 116 34.98 -1.10 12.63
C SER A 116 34.69 0.31 13.11
N VAL A 117 35.71 0.93 13.66
CA VAL A 117 35.64 2.30 14.13
C VAL A 117 36.89 2.98 13.58
N PRO A 118 36.74 4.10 12.86
CA PRO A 118 37.90 4.74 12.23
C PRO A 118 38.96 5.11 13.27
N PHE A 119 40.20 4.70 13.02
CA PHE A 119 41.33 5.01 13.89
C PHE A 119 41.12 4.55 15.32
N GLU A 120 40.46 3.40 15.49
CA GLU A 120 40.11 2.90 16.81
C GLU A 120 41.33 2.80 17.73
N LYS A 121 42.40 2.20 17.22
CA LYS A 121 43.60 2.00 18.02
C LYS A 121 44.20 3.32 18.52
N ASP A 122 44.32 4.29 17.62
CA ASP A 122 44.92 5.57 17.97
C ASP A 122 44.02 6.41 18.87
N LEU A 123 42.70 6.23 18.75
CA LEU A 123 41.75 7.10 19.45
C LEU A 123 41.22 6.49 20.73
N TYR A 124 40.65 5.29 20.62
CA TYR A 124 40.03 4.64 21.76
C TYR A 124 40.98 3.67 22.46
N GLY A 125 42.07 3.34 21.77
CA GLY A 125 42.96 2.30 22.25
C GLY A 125 42.21 0.98 22.33
N GLU A 126 42.22 0.35 23.49
CA GLU A 126 41.51 -0.90 23.69
C GLU A 126 40.27 -0.68 24.57
N SER A 127 39.89 0.59 24.72
CA SER A 127 38.87 0.96 25.70
C SER A 127 37.43 0.88 25.18
N LEU A 128 37.26 0.83 23.87
CA LEU A 128 35.92 0.78 23.30
C LEU A 128 35.39 -0.64 23.30
N ASN A 129 34.29 -0.87 24.01
CA ASN A 129 33.70 -2.20 24.05
C ASN A 129 32.69 -2.40 22.92
N LYS A 130 33.21 -2.66 21.72
CA LYS A 130 32.38 -2.77 20.52
C LYS A 130 31.34 -3.88 20.66
N LYS A 131 31.65 -4.87 21.48
CA LYS A 131 30.76 -5.99 21.74
C LYS A 131 29.41 -5.54 22.30
N CYS A 132 29.40 -4.42 23.01
CA CYS A 132 28.18 -3.91 23.63
C CYS A 132 27.60 -2.76 22.83
N LEU A 133 28.17 -2.51 21.65
CA LEU A 133 27.73 -1.39 20.83
C LEU A 133 27.11 -1.82 19.51
N GLY A 134 26.59 -3.03 19.45
CA GLY A 134 25.88 -3.46 18.24
C GLY A 134 24.58 -2.67 18.08
N LEU A 135 24.05 -2.61 16.87
CA LEU A 135 22.79 -1.92 16.65
C LEU A 135 21.67 -2.53 17.50
N LYS A 136 20.72 -1.69 17.92
CA LYS A 136 19.63 -2.16 18.76
C LYS A 136 18.74 -3.11 17.95
N GLU A 137 18.69 -4.36 18.37
CA GLU A 137 18.07 -5.41 17.57
C GLU A 137 16.60 -5.65 17.90
N VAL A 138 15.78 -5.81 16.86
CA VAL A 138 14.39 -6.20 17.02
C VAL A 138 14.37 -7.58 17.63
N ALA A 139 13.76 -7.72 18.80
CA ALA A 139 13.83 -8.96 19.59
C ALA A 139 13.33 -10.21 18.86
N ARG A 140 12.29 -10.04 18.05
CA ARG A 140 11.62 -11.20 17.45
C ARG A 140 11.40 -10.95 15.97
N VAL A 141 11.82 -11.91 15.14
CA VAL A 141 11.58 -11.85 13.71
C VAL A 141 11.16 -13.24 13.26
N GLU A 142 9.99 -13.35 12.66
CA GLU A 142 9.44 -14.66 12.28
C GLU A 142 8.77 -14.56 10.92
N SER A 143 8.58 -15.72 10.29
CA SER A 143 8.03 -15.79 8.94
C SER A 143 6.70 -16.54 8.92
N PHE A 144 5.75 -16.03 8.15
CA PHE A 144 4.55 -16.78 7.81
C PHE A 144 4.58 -16.98 6.29
N HIS A 145 5.06 -18.16 5.89
CA HIS A 145 5.17 -18.52 4.47
C HIS A 145 5.81 -17.47 3.59
N GLY A 146 6.90 -16.88 4.12
CA GLY A 146 7.67 -15.92 3.36
C GLY A 146 7.41 -14.49 3.78
N PHE A 147 6.30 -14.26 4.46
CA PHE A 147 5.98 -12.92 4.93
C PHE A 147 6.62 -12.70 6.29
N ILE A 148 7.49 -11.71 6.37
CA ILE A 148 8.35 -11.52 7.56
C ILE A 148 7.79 -10.43 8.46
N TYR A 149 7.59 -10.76 9.72
CA TYR A 149 7.06 -9.82 10.71
C TYR A 149 8.07 -9.65 11.83
N GLY A 150 8.02 -8.50 12.51
CA GLY A 150 8.92 -8.25 13.62
C GLY A 150 8.16 -7.84 14.86
N CYS A 151 8.77 -8.02 16.03
CA CYS A 151 8.14 -7.57 17.25
C CYS A 151 9.21 -7.11 18.22
N PHE A 152 9.04 -5.92 18.79
CA PHE A 152 10.03 -5.42 19.75
C PHE A 152 9.96 -6.12 21.12
N ASP A 153 8.85 -6.80 21.38
CA ASP A 153 8.61 -7.38 22.71
C ASP A 153 8.94 -8.88 22.72
N GLN A 154 10.00 -9.24 23.45
CA GLN A 154 10.43 -10.64 23.53
C GLN A 154 9.33 -11.57 24.04
N GLU A 155 8.37 -11.00 24.79
CA GLU A 155 7.33 -11.80 25.45
C GLU A 155 6.12 -12.14 24.57
N ALA A 156 6.11 -11.64 23.34
CA ALA A 156 4.98 -11.87 22.44
C ALA A 156 4.77 -13.35 22.12
N PRO A 157 3.51 -13.73 21.80
CA PRO A 157 3.27 -15.09 21.33
C PRO A 157 3.99 -15.30 20.02
N PRO A 158 4.33 -16.55 19.68
CA PRO A 158 4.91 -16.81 18.36
C PRO A 158 3.95 -16.31 17.29
N LEU A 159 4.46 -15.92 16.14
CA LEU A 159 3.62 -15.31 15.11
C LEU A 159 2.45 -16.22 14.70
N MET A 160 2.70 -17.53 14.57
CA MET A 160 1.64 -18.49 14.22
C MET A 160 0.48 -18.44 15.23
N ASP A 161 0.81 -18.41 16.52
CA ASP A 161 -0.23 -18.39 17.55
C ASP A 161 -0.95 -17.04 17.56
N TYR A 162 -0.20 -15.99 17.29
CA TYR A 162 -0.74 -14.62 17.26
C TYR A 162 -1.78 -14.46 16.16
N LEU A 163 -1.56 -15.13 15.04
CA LEU A 163 -2.54 -15.13 13.96
C LEU A 163 -3.82 -15.85 14.37
N GLY A 164 -3.71 -16.74 15.36
CA GLY A 164 -4.87 -17.42 15.90
C GLY A 164 -5.71 -18.09 14.83
N ASP A 165 -7.02 -17.90 14.94
CA ASP A 165 -7.95 -18.54 14.02
C ASP A 165 -7.88 -17.95 12.62
N ALA A 166 -7.29 -16.77 12.47
CA ALA A 166 -7.15 -16.21 11.12
C ALA A 166 -6.20 -17.05 10.24
N ALA A 167 -5.22 -17.72 10.83
CA ALA A 167 -4.25 -18.48 10.05
C ALA A 167 -4.89 -19.55 9.17
N TRP A 168 -5.93 -20.19 9.68
CA TRP A 168 -6.64 -21.25 8.95
C TRP A 168 -7.17 -20.76 7.61
N TYR A 169 -7.68 -19.53 7.61
CA TYR A 169 -8.25 -18.94 6.40
C TYR A 169 -7.16 -18.49 5.44
N LEU A 170 -6.00 -18.07 5.95
CA LEU A 170 -4.92 -17.58 5.10
C LEU A 170 -4.14 -18.71 4.43
N GLU A 171 -4.08 -19.86 5.10
CA GLU A 171 -3.22 -20.94 4.63
C GLU A 171 -3.47 -21.46 3.21
N PRO A 172 -4.75 -21.59 2.79
CA PRO A 172 -4.91 -22.09 1.42
C PRO A 172 -4.17 -21.24 0.37
N MET A 173 -4.29 -19.92 0.46
CA MET A 173 -3.57 -19.02 -0.45
C MET A 173 -2.08 -18.85 -0.09
N PHE A 174 -1.75 -18.77 1.20
CA PHE A 174 -0.37 -18.47 1.59
C PHE A 174 0.56 -19.69 1.57
N LYS A 175 -0.03 -20.85 1.80
CA LYS A 175 0.73 -22.10 1.87
C LYS A 175 0.40 -23.05 0.71
N HIS A 176 -0.85 -23.48 0.64
CA HIS A 176 -1.22 -24.58 -0.25
C HIS A 176 -1.23 -24.22 -1.73
N SER A 177 -1.25 -22.93 -2.04
CA SER A 177 -1.18 -22.45 -3.41
C SER A 177 0.21 -22.65 -4.02
N GLY A 178 1.18 -23.04 -3.20
CA GLY A 178 2.55 -23.15 -3.67
C GLY A 178 3.38 -21.96 -3.23
N GLY A 179 2.73 -20.97 -2.63
CA GLY A 179 3.44 -19.83 -2.09
C GLY A 179 3.23 -18.55 -2.88
N LEU A 180 3.33 -17.43 -2.17
CA LEU A 180 3.12 -16.12 -2.77
C LEU A 180 4.45 -15.38 -2.84
N GLU A 181 4.51 -14.39 -3.73
CA GLU A 181 5.62 -13.46 -3.79
C GLU A 181 5.06 -12.07 -3.58
N LEU A 182 5.85 -11.21 -2.95
CA LEU A 182 5.49 -9.82 -2.83
C LEU A 182 6.22 -9.08 -3.93
N VAL A 183 5.49 -8.33 -4.74
CA VAL A 183 6.09 -7.57 -5.82
C VAL A 183 6.32 -6.14 -5.33
N GLY A 184 7.58 -5.74 -5.28
CA GLY A 184 7.95 -4.39 -4.89
C GLY A 184 8.38 -3.59 -6.11
N PRO A 185 8.76 -2.33 -5.91
CA PRO A 185 8.70 -1.62 -4.64
C PRO A 185 7.26 -1.19 -4.39
N PRO A 186 6.94 -0.84 -3.14
CA PRO A 186 5.58 -0.44 -2.81
C PRO A 186 5.31 0.99 -3.26
N GLY A 187 4.04 1.30 -3.52
CA GLY A 187 3.66 2.70 -3.62
C GLY A 187 3.68 3.26 -2.20
N LYS A 188 3.98 4.55 -2.06
CA LYS A 188 3.99 5.18 -0.73
C LYS A 188 3.28 6.55 -0.79
N VAL A 189 2.23 6.70 0.00
CA VAL A 189 1.44 7.93 0.04
C VAL A 189 1.05 8.26 1.46
N VAL A 190 1.07 9.55 1.80
CA VAL A 190 0.56 9.98 3.10
C VAL A 190 -0.90 10.40 3.02
N ILE A 191 -1.72 9.86 3.93
CA ILE A 191 -3.11 10.29 4.04
C ILE A 191 -3.33 10.93 5.41
N LYS A 192 -4.29 11.83 5.48
CA LYS A 192 -4.54 12.52 6.73
C LYS A 192 -5.59 11.79 7.54
N ALA A 193 -5.30 10.52 7.83
CA ALA A 193 -6.21 9.69 8.61
C ALA A 193 -5.43 8.97 9.70
N ASN A 194 -6.14 8.55 10.74
CA ASN A 194 -5.57 7.68 11.76
C ASN A 194 -5.36 6.30 11.17
N TRP A 195 -4.31 5.61 11.61
CA TRP A 195 -4.01 4.28 11.07
C TRP A 195 -5.16 3.29 11.28
N LYS A 196 -5.97 3.52 12.31
CA LYS A 196 -7.09 2.60 12.60
C LYS A 196 -8.22 2.69 11.59
N ALA A 197 -8.34 3.83 10.90
CA ALA A 197 -9.44 3.97 9.96
C ALA A 197 -9.31 3.02 8.76
N PRO A 198 -8.14 2.98 8.09
CA PRO A 198 -8.05 1.95 7.05
C PRO A 198 -7.93 0.53 7.61
N ALA A 199 -7.30 0.37 8.78
CA ALA A 199 -7.20 -0.96 9.39
C ALA A 199 -8.57 -1.57 9.65
N GLU A 200 -9.49 -0.78 10.20
CA GLU A 200 -10.82 -1.30 10.52
C GLU A 200 -11.61 -1.55 9.25
N ASN A 201 -11.35 -0.72 8.24
CA ASN A 201 -12.07 -0.84 6.99
C ASN A 201 -11.72 -2.15 6.30
N PHE A 202 -10.42 -2.44 6.22
CA PHE A 202 -10.00 -3.69 5.60
C PHE A 202 -10.34 -4.93 6.42
N VAL A 203 -10.40 -4.81 7.75
CA VAL A 203 -10.61 -6.02 8.57
C VAL A 203 -12.02 -6.55 8.46
N GLY A 204 -12.98 -5.67 8.23
CA GLY A 204 -14.35 -6.13 8.36
C GLY A 204 -15.44 -5.32 7.72
N ASP A 205 -15.09 -4.44 6.79
CA ASP A 205 -16.12 -3.59 6.21
C ASP A 205 -16.47 -3.94 4.77
N ALA A 206 -17.50 -4.77 4.62
CA ALA A 206 -18.05 -5.01 3.30
C ALA A 206 -19.25 -4.09 3.04
N TYR A 207 -19.85 -3.60 4.12
CA TYR A 207 -21.05 -2.74 4.05
C TYR A 207 -20.79 -1.52 3.16
N HIS A 208 -19.58 -0.97 3.21
CA HIS A 208 -19.28 0.27 2.48
C HIS A 208 -19.09 0.11 0.97
N VAL A 209 -18.83 -1.12 0.53
CA VAL A 209 -18.33 -1.34 -0.83
C VAL A 209 -19.27 -0.81 -1.91
N GLY A 210 -20.55 -1.20 -1.84
CA GLY A 210 -21.51 -0.79 -2.85
C GLY A 210 -21.71 0.72 -2.95
N TRP A 211 -21.64 1.41 -1.82
CA TRP A 211 -21.89 2.84 -1.81
C TRP A 211 -20.62 3.67 -2.03
N THR A 212 -19.60 3.45 -1.20
CA THR A 212 -18.33 4.15 -1.34
C THR A 212 -17.71 3.94 -2.72
N HIS A 213 -17.74 2.70 -3.20
CA HIS A 213 -17.04 2.35 -4.43
C HIS A 213 -17.98 2.25 -5.62
N ALA A 214 -19.16 2.86 -5.51
CA ALA A 214 -20.16 2.82 -6.59
C ALA A 214 -19.55 3.16 -7.95
N SER A 215 -18.83 4.27 -8.01
CA SER A 215 -18.23 4.70 -9.28
C SER A 215 -17.16 3.72 -9.80
N SER A 216 -16.36 3.16 -8.90
CA SER A 216 -15.31 2.22 -9.32
C SER A 216 -15.90 0.88 -9.77
N LEU A 217 -16.97 0.46 -9.10
CA LEU A 217 -17.67 -0.77 -9.46
C LEU A 217 -18.34 -0.62 -10.83
N ARG A 218 -18.99 0.50 -11.05
CA ARG A 218 -19.66 0.77 -12.32
C ARG A 218 -18.64 0.92 -13.46
N SER A 219 -17.54 1.61 -13.19
CA SER A 219 -16.56 1.94 -14.23
C SER A 219 -15.58 0.83 -14.60
N GLY A 220 -15.17 0.04 -13.60
CA GLY A 220 -14.14 -0.98 -13.81
C GLY A 220 -14.60 -2.34 -14.30
N GLU A 221 -15.86 -2.69 -14.07
CA GLU A 221 -16.42 -3.97 -14.55
C GLU A 221 -15.91 -5.25 -13.87
N SER A 222 -15.42 -5.12 -12.65
CA SER A 222 -14.92 -6.26 -11.90
C SER A 222 -16.06 -7.22 -11.50
N ILE A 223 -15.75 -8.37 -10.91
CA ILE A 223 -16.82 -9.33 -10.56
C ILE A 223 -17.72 -8.94 -9.37
N PHE A 224 -17.26 -7.99 -8.55
CA PHE A 224 -18.10 -7.55 -7.44
C PHE A 224 -19.03 -6.43 -7.89
N SER A 225 -19.13 -6.22 -9.20
CA SER A 225 -19.74 -5.02 -9.75
C SER A 225 -21.27 -4.87 -9.63
N SER A 226 -21.96 -5.95 -9.29
CA SER A 226 -23.41 -5.87 -9.14
C SER A 226 -23.78 -4.97 -7.98
N LEU A 227 -22.79 -4.68 -7.15
CA LEU A 227 -23.02 -3.94 -5.92
C LEU A 227 -23.13 -2.44 -6.14
N ALA A 228 -22.74 -1.95 -7.31
CA ALA A 228 -22.62 -0.49 -7.53
C ALA A 228 -23.85 0.32 -7.12
N GLY A 229 -23.64 1.30 -6.26
CA GLY A 229 -24.73 2.16 -5.84
C GLY A 229 -25.78 1.44 -5.00
N ASN A 230 -25.36 0.37 -4.32
CA ASN A 230 -26.29 -0.45 -3.54
C ASN A 230 -27.45 -0.98 -4.36
N ALA A 231 -27.16 -1.29 -5.62
CA ALA A 231 -28.18 -1.75 -6.56
C ALA A 231 -28.62 -3.17 -6.23
N ALA A 232 -27.75 -3.92 -5.57
CA ALA A 232 -28.01 -5.32 -5.31
C ALA A 232 -27.28 -5.80 -4.05
N LEU A 233 -28.01 -6.48 -3.18
CA LEU A 233 -27.41 -7.08 -2.00
C LEU A 233 -26.93 -8.48 -2.39
N PRO A 234 -25.70 -8.83 -1.99
CA PRO A 234 -25.15 -10.16 -2.27
C PRO A 234 -26.11 -11.26 -1.82
N PRO A 235 -26.14 -12.38 -2.57
CA PRO A 235 -27.04 -13.48 -2.24
C PRO A 235 -26.76 -14.06 -0.86
N GLU A 236 -27.70 -14.81 -0.31
CA GLU A 236 -27.49 -15.46 0.98
C GLU A 236 -26.27 -16.37 0.93
N GLY A 237 -25.47 -16.34 1.99
CA GLY A 237 -24.31 -17.20 2.08
C GLY A 237 -23.26 -16.83 1.05
N ALA A 238 -23.24 -15.57 0.64
CA ALA A 238 -22.23 -15.11 -0.31
C ALA A 238 -20.89 -15.02 0.38
N GLY A 239 -20.89 -15.04 1.69
CA GLY A 239 -19.65 -15.02 2.44
C GLY A 239 -19.81 -15.03 3.93
N LEU A 240 -18.72 -14.79 4.65
CA LEU A 240 -18.76 -14.77 6.11
C LEU A 240 -17.75 -13.78 6.63
N GLN A 241 -17.76 -13.60 7.95
CA GLN A 241 -16.78 -12.74 8.61
C GLN A 241 -16.18 -13.51 9.76
N MET A 242 -14.91 -13.26 10.06
CA MET A 242 -14.35 -13.89 11.25
C MET A 242 -13.43 -12.94 12.03
N THR A 243 -13.19 -13.27 13.29
CA THR A 243 -12.21 -12.54 14.08
C THR A 243 -11.53 -13.50 15.06
N SER A 244 -10.50 -13.02 15.75
CA SER A 244 -9.64 -13.90 16.52
C SER A 244 -9.18 -13.22 17.82
N LYS A 245 -8.55 -14.01 18.68
CA LYS A 245 -8.18 -13.57 20.01
C LYS A 245 -7.27 -12.34 20.01
N TYR A 246 -6.29 -12.34 19.12
CA TYR A 246 -5.28 -11.28 19.13
C TYR A 246 -5.59 -10.16 18.13
N GLY A 247 -6.81 -10.16 17.60
CA GLY A 247 -7.32 -8.98 16.92
C GLY A 247 -7.45 -9.09 15.41
N SER A 248 -6.72 -10.04 14.82
CA SER A 248 -6.76 -10.23 13.38
C SER A 248 -8.12 -10.77 12.97
N GLY A 249 -8.57 -10.37 11.78
CA GLY A 249 -9.86 -10.80 11.29
C GLY A 249 -9.96 -10.58 9.80
N MET A 250 -11.05 -11.08 9.23
CA MET A 250 -11.25 -10.91 7.79
C MET A 250 -12.67 -11.23 7.37
N GLY A 251 -13.01 -10.73 6.19
CA GLY A 251 -14.20 -11.13 5.49
C GLY A 251 -13.82 -12.10 4.39
N VAL A 252 -14.75 -13.00 4.08
CA VAL A 252 -14.56 -13.98 3.02
C VAL A 252 -15.70 -13.79 2.04
N LEU A 253 -15.38 -13.53 0.78
CA LEU A 253 -16.41 -13.47 -0.25
C LEU A 253 -16.21 -14.68 -1.17
N TRP A 254 -17.13 -15.64 -1.10
CA TRP A 254 -16.95 -16.92 -1.77
C TRP A 254 -16.70 -16.76 -3.26
N ASP A 255 -15.67 -17.44 -3.75
CA ASP A 255 -15.39 -17.59 -5.18
C ASP A 255 -14.86 -16.34 -5.89
N GLY A 256 -14.70 -15.22 -5.18
CA GLY A 256 -14.37 -13.96 -5.83
C GLY A 256 -12.90 -13.79 -6.23
N TYR A 257 -12.38 -14.75 -7.00
CA TYR A 257 -10.95 -14.84 -7.24
C TYR A 257 -10.39 -13.70 -8.09
N SER A 258 -11.20 -13.11 -8.97
CA SER A 258 -10.69 -12.01 -9.78
C SER A 258 -10.75 -10.68 -9.03
N GLY A 259 -11.47 -10.67 -7.90
CA GLY A 259 -11.48 -9.52 -7.01
C GLY A 259 -11.84 -8.19 -7.66
N VAL A 260 -11.04 -7.18 -7.38
CA VAL A 260 -11.32 -5.84 -7.90
C VAL A 260 -10.84 -5.65 -9.34
N HIS A 261 -10.18 -6.67 -9.88
CA HIS A 261 -9.55 -6.52 -11.20
C HIS A 261 -10.57 -6.29 -12.29
N SER A 262 -10.27 -5.34 -13.18
CA SER A 262 -11.20 -4.98 -14.24
C SER A 262 -11.38 -6.15 -15.19
N ALA A 263 -12.46 -6.10 -15.94
CA ALA A 263 -12.84 -7.17 -16.86
C ALA A 263 -11.70 -7.68 -17.74
N ASP A 264 -10.69 -6.84 -18.00
CA ASP A 264 -9.55 -7.28 -18.81
C ASP A 264 -8.73 -8.46 -18.22
N LEU A 265 -8.91 -8.75 -16.93
CA LEU A 265 -8.19 -9.85 -16.25
C LEU A 265 -9.12 -10.93 -15.72
N VAL A 266 -10.43 -10.68 -15.74
CA VAL A 266 -11.38 -11.60 -15.13
C VAL A 266 -11.35 -13.04 -15.68
N PRO A 267 -11.47 -13.21 -17.01
CA PRO A 267 -11.53 -14.60 -17.48
C PRO A 267 -10.25 -15.40 -17.20
N GLU A 268 -9.10 -14.76 -17.35
CA GLU A 268 -7.81 -15.42 -17.12
C GLU A 268 -7.66 -15.81 -15.66
N LEU A 269 -7.99 -14.90 -14.77
CA LEU A 269 -7.90 -15.22 -13.34
C LEU A 269 -8.89 -16.31 -12.94
N MET A 270 -10.14 -16.17 -13.38
CA MET A 270 -11.15 -17.15 -12.96
C MET A 270 -10.78 -18.54 -13.48
N ALA A 271 -10.12 -18.61 -14.62
CA ALA A 271 -9.61 -19.87 -15.14
C ALA A 271 -8.47 -20.42 -14.28
N PHE A 272 -7.52 -19.54 -13.95
CA PHE A 272 -6.34 -19.95 -13.19
C PHE A 272 -6.70 -20.44 -11.79
N GLY A 273 -7.49 -19.66 -11.07
CA GLY A 273 -7.87 -20.02 -9.71
C GLY A 273 -8.73 -21.27 -9.67
N GLY A 274 -9.64 -21.40 -10.63
CA GLY A 274 -10.49 -22.56 -10.71
C GLY A 274 -9.68 -23.83 -10.98
N ALA A 275 -8.66 -23.70 -11.82
CA ALA A 275 -7.81 -24.86 -12.15
C ALA A 275 -7.01 -25.30 -10.93
N LYS A 276 -6.48 -24.33 -10.19
CA LYS A 276 -5.71 -24.71 -8.99
C LYS A 276 -6.62 -25.28 -7.90
N GLN A 277 -7.82 -24.70 -7.77
CA GLN A 277 -8.81 -25.20 -6.81
C GLN A 277 -9.10 -26.68 -7.06
N GLU A 278 -9.21 -27.05 -8.33
CA GLU A 278 -9.53 -28.42 -8.70
C GLU A 278 -8.45 -29.37 -8.19
N ARG A 279 -7.20 -28.95 -8.31
CA ARG A 279 -6.08 -29.74 -7.78
C ARG A 279 -6.08 -29.76 -6.25
N LEU A 280 -6.45 -28.63 -5.64
CA LEU A 280 -6.43 -28.53 -4.17
C LEU A 280 -7.54 -29.29 -3.45
N ASN A 281 -8.65 -29.58 -4.14
CA ASN A 281 -9.74 -30.35 -3.53
C ASN A 281 -9.23 -31.65 -2.92
N LYS A 282 -8.31 -32.29 -3.63
CA LYS A 282 -7.77 -33.59 -3.27
C LYS A 282 -6.84 -33.51 -2.05
N GLU A 283 -6.15 -32.38 -1.91
CA GLU A 283 -5.15 -32.25 -0.85
C GLU A 283 -5.67 -31.63 0.44
N ILE A 284 -6.46 -30.57 0.31
CA ILE A 284 -6.89 -29.88 1.52
C ILE A 284 -8.40 -29.93 1.72
N GLY A 285 -9.11 -30.57 0.80
CA GLY A 285 -10.55 -30.71 0.94
C GLY A 285 -11.29 -29.61 0.21
N ASP A 286 -12.57 -29.82 -0.08
CA ASP A 286 -13.34 -28.88 -0.90
C ASP A 286 -13.51 -27.49 -0.27
N VAL A 287 -13.80 -27.44 1.04
CA VAL A 287 -14.03 -26.15 1.69
C VAL A 287 -12.78 -25.28 1.62
N ARG A 288 -11.65 -25.84 2.03
CA ARG A 288 -10.41 -25.06 2.05
C ARG A 288 -9.90 -24.73 0.66
N ALA A 289 -10.13 -25.62 -0.31
CA ALA A 289 -9.73 -25.31 -1.69
C ALA A 289 -10.58 -24.17 -2.22
N ARG A 290 -11.82 -24.09 -1.73
CA ARG A 290 -12.69 -23.01 -2.15
C ARG A 290 -12.25 -21.72 -1.50
N ILE A 291 -11.87 -21.78 -0.23
CA ILE A 291 -11.34 -20.61 0.45
C ILE A 291 -10.13 -20.04 -0.28
N TYR A 292 -9.26 -20.91 -0.79
CA TYR A 292 -8.11 -20.46 -1.58
C TYR A 292 -8.53 -19.46 -2.66
N ARG A 293 -9.59 -19.79 -3.40
CA ARG A 293 -10.00 -18.91 -4.51
C ARG A 293 -11.16 -17.99 -4.15
N SER A 294 -11.27 -17.68 -2.86
CA SER A 294 -12.25 -16.74 -2.35
C SER A 294 -11.54 -15.48 -1.89
N HIS A 295 -12.20 -14.33 -2.07
CA HIS A 295 -11.61 -13.04 -1.78
C HIS A 295 -11.62 -12.80 -0.28
N LEU A 296 -10.43 -12.61 0.32
CA LEU A 296 -10.35 -12.32 1.74
C LEU A 296 -9.94 -10.86 1.93
N ASN A 297 -10.73 -10.11 2.69
CA ASN A 297 -10.30 -8.79 3.12
C ASN A 297 -9.90 -8.88 4.59
N CYS A 298 -8.61 -8.72 4.84
CA CYS A 298 -8.04 -9.11 6.13
C CYS A 298 -7.19 -7.99 6.71
N THR A 299 -7.24 -7.84 8.03
CA THR A 299 -6.20 -7.11 8.72
C THR A 299 -5.50 -8.05 9.69
N VAL A 300 -4.17 -8.09 9.58
CA VAL A 300 -3.33 -8.74 10.58
C VAL A 300 -3.01 -7.63 11.59
N PHE A 301 -3.57 -7.77 12.78
CA PHE A 301 -3.47 -6.76 13.81
C PHE A 301 -2.00 -6.42 14.06
N PRO A 302 -1.68 -5.13 14.22
CA PRO A 302 -2.60 -3.98 14.21
C PRO A 302 -2.79 -3.31 12.85
N ASN A 303 -1.75 -3.25 12.01
CA ASN A 303 -1.77 -2.32 10.89
C ASN A 303 -1.29 -2.85 9.53
N ASN A 304 -1.48 -4.15 9.31
CA ASN A 304 -1.14 -4.76 8.02
C ASN A 304 -2.43 -5.32 7.43
N SER A 305 -2.79 -4.90 6.22
CA SER A 305 -4.05 -5.37 5.64
C SER A 305 -3.83 -5.95 4.26
N MET A 306 -4.80 -6.70 3.75
CA MET A 306 -4.66 -7.32 2.45
C MET A 306 -6.00 -7.67 1.86
N LEU A 307 -6.02 -7.78 0.54
CA LEU A 307 -7.14 -8.40 -0.18
C LEU A 307 -6.52 -9.54 -0.96
N THR A 308 -6.73 -10.79 -0.54
CA THR A 308 -6.19 -11.89 -1.34
C THR A 308 -7.01 -11.93 -2.62
N CYS A 309 -6.43 -12.57 -3.64
CA CYS A 309 -7.05 -12.70 -4.97
C CYS A 309 -6.98 -11.38 -5.75
N SER A 310 -7.46 -10.30 -5.17
CA SER A 310 -7.15 -8.96 -5.70
C SER A 310 -5.63 -8.74 -5.65
N GLY A 311 -4.98 -9.25 -4.61
CA GLY A 311 -3.54 -9.17 -4.52
C GLY A 311 -3.01 -7.89 -3.90
N VAL A 312 -3.85 -7.20 -3.15
CA VAL A 312 -3.46 -5.92 -2.53
C VAL A 312 -2.85 -6.20 -1.16
N PHE A 313 -1.69 -5.60 -0.86
CA PHE A 313 -1.04 -5.79 0.43
C PHE A 313 -0.66 -4.41 0.95
N LYS A 314 -1.14 -4.07 2.14
CA LYS A 314 -1.04 -2.71 2.70
C LYS A 314 -0.34 -2.68 4.05
N VAL A 315 0.45 -1.64 4.27
CA VAL A 315 0.89 -1.34 5.64
C VAL A 315 0.44 0.07 5.96
N TRP A 316 -0.28 0.23 7.06
CA TRP A 316 -0.74 1.56 7.48
C TRP A 316 0.23 2.09 8.52
N ASN A 317 1.29 2.76 8.07
CA ASN A 317 2.35 3.18 8.98
C ASN A 317 1.97 4.46 9.73
N PRO A 318 1.97 4.39 11.07
CA PRO A 318 1.46 5.55 11.83
C PRO A 318 2.47 6.70 11.85
N ILE A 319 1.99 7.93 11.73
CA ILE A 319 2.85 9.11 11.85
C ILE A 319 2.41 9.97 13.05
N ASP A 320 1.12 10.32 13.07
CA ASP A 320 0.51 10.90 14.26
C ASP A 320 -0.98 10.58 14.23
N ALA A 321 -1.78 11.13 15.12
CA ALA A 321 -3.17 10.68 15.21
C ALA A 321 -3.98 10.91 13.94
N ASN A 322 -3.58 11.88 13.12
CA ASN A 322 -4.31 12.13 11.87
C ASN A 322 -3.38 12.10 10.66
N THR A 323 -2.30 11.31 10.76
CA THR A 323 -1.40 11.14 9.61
C THR A 323 -0.92 9.70 9.53
N THR A 324 -1.05 9.10 8.34
CA THR A 324 -0.63 7.71 8.15
C THR A 324 0.08 7.60 6.80
N GLU A 325 1.20 6.88 6.78
CA GLU A 325 1.94 6.66 5.54
C GLU A 325 1.57 5.28 4.99
N VAL A 326 0.91 5.26 3.83
CA VAL A 326 0.36 4.02 3.29
C VAL A 326 1.34 3.37 2.33
N TRP A 327 1.71 2.12 2.60
CA TRP A 327 2.57 1.38 1.69
C TRP A 327 1.74 0.32 0.98
N THR A 328 1.86 0.23 -0.34
CA THR A 328 1.03 -0.70 -1.12
C THR A 328 1.89 -1.59 -1.99
N TYR A 329 1.85 -2.89 -1.71
CA TYR A 329 2.52 -3.89 -2.56
C TYR A 329 1.48 -4.72 -3.28
N ALA A 330 1.93 -5.49 -4.27
CA ALA A 330 1.08 -6.51 -4.88
C ALA A 330 1.53 -7.90 -4.42
N ILE A 331 0.57 -8.78 -4.17
CA ILE A 331 0.93 -10.18 -3.93
C ILE A 331 0.50 -11.01 -5.13
N VAL A 332 1.37 -11.92 -5.54
CA VAL A 332 1.05 -12.83 -6.65
C VAL A 332 1.43 -14.24 -6.28
N GLU A 333 0.78 -15.21 -6.91
CA GLU A 333 1.11 -16.61 -6.70
C GLU A 333 2.36 -16.97 -7.51
N LYS A 334 3.33 -17.60 -6.85
CA LYS A 334 4.63 -17.87 -7.48
C LYS A 334 4.53 -18.63 -8.80
N ASP A 335 3.57 -19.54 -8.89
CA ASP A 335 3.47 -20.37 -10.09
C ASP A 335 2.62 -19.78 -11.21
N MET A 336 2.18 -18.53 -11.05
CA MET A 336 1.50 -17.84 -12.15
C MET A 336 2.53 -17.56 -13.24
N PRO A 337 2.09 -17.55 -14.51
CA PRO A 337 2.96 -17.13 -15.61
C PRO A 337 3.47 -15.72 -15.33
N GLU A 338 4.72 -15.45 -15.68
CA GLU A 338 5.33 -14.15 -15.39
C GLU A 338 4.57 -12.97 -15.98
N ASP A 339 4.00 -13.13 -17.18
CA ASP A 339 3.28 -12.02 -17.80
C ASP A 339 1.99 -11.69 -17.04
N LEU A 340 1.36 -12.73 -16.49
CA LEU A 340 0.18 -12.53 -15.65
C LEU A 340 0.57 -11.84 -14.34
N LYS A 341 1.70 -12.24 -13.77
CA LYS A 341 2.19 -11.59 -12.55
C LYS A 341 2.41 -10.09 -12.76
N ARG A 342 3.01 -9.76 -13.90
CA ARG A 342 3.28 -8.36 -14.26
C ARG A 342 1.97 -7.59 -14.39
N ARG A 343 1.00 -8.16 -15.13
CA ARG A 343 -0.28 -7.46 -15.31
C ARG A 343 -1.07 -7.37 -14.02
N LEU A 344 -1.00 -8.41 -13.19
CA LEU A 344 -1.67 -8.38 -11.89
C LEU A 344 -1.09 -7.29 -10.98
N ALA A 345 0.25 -7.22 -10.91
CA ALA A 345 0.91 -6.16 -10.15
C ALA A 345 0.50 -4.77 -10.60
N ASP A 346 0.50 -4.54 -11.91
CA ASP A 346 0.04 -3.25 -12.43
C ASP A 346 -1.41 -2.96 -12.04
N SER A 347 -2.26 -3.99 -12.08
CA SER A 347 -3.68 -3.82 -11.76
C SER A 347 -3.93 -3.54 -10.27
N VAL A 348 -3.14 -4.16 -9.40
CA VAL A 348 -3.16 -3.83 -7.99
C VAL A 348 -2.89 -2.32 -7.78
N GLN A 349 -1.86 -1.80 -8.46
CA GLN A 349 -1.54 -0.39 -8.28
C GLN A 349 -2.59 0.51 -8.95
N ARG A 350 -3.15 0.03 -10.05
CA ARG A 350 -4.18 0.78 -10.78
C ARG A 350 -5.42 1.00 -9.92
N THR A 351 -5.75 0.01 -9.10
CA THR A 351 -6.96 0.07 -8.30
C THR A 351 -6.70 0.58 -6.89
N PHE A 352 -5.59 0.15 -6.28
CA PHE A 352 -5.35 0.49 -4.87
C PHE A 352 -4.04 1.18 -4.57
N GLY A 353 -3.29 1.56 -5.60
CA GLY A 353 -2.01 2.22 -5.39
C GLY A 353 -2.15 3.72 -5.21
N PRO A 354 -1.05 4.45 -5.40
CA PRO A 354 -1.06 5.91 -5.20
C PRO A 354 -2.07 6.63 -6.08
N ALA A 355 -2.32 6.13 -7.28
CA ALA A 355 -3.38 6.65 -8.13
C ALA A 355 -4.45 5.59 -8.28
N GLY A 356 -4.63 4.79 -7.24
CA GLY A 356 -5.66 3.75 -7.26
C GLY A 356 -7.05 4.33 -7.26
N PHE A 357 -7.83 4.08 -8.30
CA PHE A 357 -9.14 4.71 -8.34
C PHE A 357 -10.10 4.18 -7.26
N TRP A 358 -9.96 2.91 -6.88
CA TRP A 358 -10.76 2.39 -5.77
C TRP A 358 -10.32 3.04 -4.46
N GLU A 359 -9.01 3.04 -4.22
CA GLU A 359 -8.45 3.56 -2.96
C GLU A 359 -8.83 5.03 -2.79
N SER A 360 -8.91 5.77 -3.88
CA SER A 360 -9.30 7.17 -3.80
C SER A 360 -10.72 7.35 -3.30
N ASP A 361 -11.59 6.38 -3.55
CA ASP A 361 -12.99 6.48 -3.11
C ASP A 361 -13.05 6.52 -1.59
N ASP A 362 -12.05 5.91 -0.94
CA ASP A 362 -12.06 5.76 0.51
C ASP A 362 -11.47 6.98 1.20
N ASN A 363 -10.71 7.81 0.49
CA ASN A 363 -9.96 8.92 1.09
C ASN A 363 -10.76 9.80 2.04
N ASP A 364 -11.85 10.37 1.55
CA ASP A 364 -12.62 11.31 2.37
C ASP A 364 -13.24 10.60 3.57
N ASN A 365 -13.66 9.35 3.38
CA ASN A 365 -14.22 8.57 4.49
C ASN A 365 -13.21 8.45 5.63
N MET A 366 -12.01 8.01 5.30
CA MET A 366 -10.98 7.79 6.32
C MET A 366 -10.52 9.07 6.95
N GLU A 367 -10.27 10.07 6.10
CA GLU A 367 -9.72 11.34 6.59
C GLU A 367 -10.70 12.11 7.46
N THR A 368 -11.94 12.27 7.00
CA THR A 368 -12.89 13.06 7.81
C THR A 368 -13.30 12.32 9.08
N ALA A 369 -13.49 11.00 9.00
CA ALA A 369 -13.82 10.24 10.20
C ALA A 369 -12.73 10.40 11.25
N SER A 370 -11.47 10.39 10.81
CA SER A 370 -10.35 10.54 11.71
C SER A 370 -10.28 11.94 12.28
N GLN A 371 -10.42 12.94 11.41
CA GLN A 371 -10.26 14.32 11.84
C GLN A 371 -11.40 14.78 12.75
N ASN A 372 -12.58 14.19 12.54
CA ASN A 372 -13.71 14.49 13.39
C ASN A 372 -13.50 14.03 14.83
N GLY A 373 -12.61 13.05 15.02
CA GLY A 373 -12.26 12.59 16.35
C GLY A 373 -11.51 13.61 17.20
N LYS A 374 -11.04 14.69 16.56
CA LYS A 374 -10.42 15.80 17.30
C LYS A 374 -11.43 16.87 17.69
N LYS A 375 -12.58 16.88 17.04
CA LYS A 375 -13.57 17.96 17.25
C LYS A 375 -14.26 17.84 18.59
N TYR A 376 -14.39 18.96 19.28
CA TYR A 376 -14.82 18.98 20.68
C TYR A 376 -16.11 18.21 20.94
N GLN A 377 -17.13 18.44 20.12
CA GLN A 377 -18.41 17.80 20.36
C GLN A 377 -18.45 16.33 19.97
N SER A 378 -17.40 15.86 19.30
CA SER A 378 -17.39 14.47 18.84
C SER A 378 -16.46 13.54 19.64
N ARG A 379 -15.55 14.10 20.43
CA ARG A 379 -14.55 13.30 21.11
C ARG A 379 -15.17 12.18 21.94
N ASP A 380 -16.23 12.52 22.68
CA ASP A 380 -16.87 11.58 23.61
C ASP A 380 -18.08 10.90 22.97
N SER A 381 -18.22 11.02 21.66
CA SER A 381 -19.30 10.38 20.93
C SER A 381 -18.94 8.94 20.59
N ASP A 382 -19.94 8.13 20.24
CA ASP A 382 -19.71 6.69 20.06
C ASP A 382 -19.78 6.25 18.60
N LEU A 383 -18.67 5.71 18.11
CA LEU A 383 -18.65 5.07 16.80
C LEU A 383 -19.28 3.70 16.95
N LEU A 384 -20.22 3.37 16.07
CA LEU A 384 -20.99 2.12 16.20
C LEU A 384 -20.44 0.95 15.39
N SER A 385 -20.37 -0.23 16.02
CA SER A 385 -19.99 -1.45 15.32
C SER A 385 -20.85 -2.63 15.81
N ASN A 386 -22.16 -2.43 15.77
CA ASN A 386 -23.08 -3.42 16.33
C ASN A 386 -23.76 -4.31 15.29
N LEU A 387 -23.51 -4.07 14.01
CA LEU A 387 -24.16 -4.84 12.96
C LEU A 387 -23.82 -6.31 13.08
N GLY A 388 -24.84 -7.16 13.24
CA GLY A 388 -24.63 -8.59 13.34
C GLY A 388 -24.43 -9.10 14.75
N PHE A 389 -24.38 -8.18 15.72
CA PHE A 389 -24.15 -8.61 17.10
C PHE A 389 -25.32 -9.48 17.59
N GLY A 390 -24.96 -10.56 18.27
CA GLY A 390 -25.95 -11.51 18.75
C GLY A 390 -26.14 -12.68 17.82
N GLU A 391 -25.48 -12.67 16.67
CA GLU A 391 -25.59 -13.77 15.71
C GLU A 391 -24.23 -14.42 15.41
N ASP A 392 -23.18 -13.96 16.07
CA ASP A 392 -21.87 -14.59 15.88
C ASP A 392 -21.78 -15.89 16.65
N VAL A 393 -20.95 -16.81 16.16
CA VAL A 393 -20.73 -18.07 16.87
C VAL A 393 -19.23 -18.27 17.12
N TYR A 394 -18.91 -19.21 18.00
CA TYR A 394 -17.52 -19.62 18.17
C TYR A 394 -17.45 -21.15 18.17
N GLY A 395 -16.33 -21.69 17.70
CA GLY A 395 -16.14 -23.15 17.72
C GLY A 395 -16.94 -23.92 16.68
N ASP A 396 -17.26 -23.28 15.56
CA ASP A 396 -18.04 -23.94 14.51
C ASP A 396 -17.30 -25.15 13.97
N ALA A 397 -18.05 -26.16 13.52
CA ALA A 397 -17.42 -27.40 13.06
C ALA A 397 -16.62 -27.23 11.78
N VAL A 398 -16.94 -26.20 10.99
CA VAL A 398 -16.26 -26.00 9.72
C VAL A 398 -15.35 -24.77 9.69
N TYR A 399 -15.84 -23.65 10.24
CA TYR A 399 -15.12 -22.37 10.16
C TYR A 399 -14.70 -21.89 11.54
N PRO A 400 -13.38 -21.82 11.80
CA PRO A 400 -12.90 -21.49 13.15
C PRO A 400 -12.89 -19.99 13.48
N GLY A 401 -12.85 -19.67 14.77
CA GLY A 401 -12.82 -18.29 15.21
C GLY A 401 -14.18 -17.81 15.67
N VAL A 402 -14.29 -16.52 16.00
CA VAL A 402 -15.62 -15.95 16.18
C VAL A 402 -16.11 -15.60 14.78
N VAL A 403 -17.24 -16.17 14.40
CA VAL A 403 -17.67 -16.14 13.00
C VAL A 403 -19.08 -15.61 12.85
N GLY A 404 -19.25 -14.65 11.94
CA GLY A 404 -20.57 -14.20 11.53
C GLY A 404 -20.86 -14.84 10.19
N LYS A 405 -21.87 -15.70 10.12
CA LYS A 405 -22.15 -16.41 8.87
C LYS A 405 -23.00 -15.59 7.92
N SER A 406 -22.47 -14.43 7.54
CA SER A 406 -23.15 -13.52 6.64
C SER A 406 -22.06 -12.71 5.95
N ALA A 407 -22.32 -12.28 4.72
CA ALA A 407 -21.28 -11.61 3.96
C ALA A 407 -20.97 -10.21 4.50
N ILE A 408 -21.99 -9.55 5.01
CA ILE A 408 -21.87 -8.16 5.47
C ILE A 408 -22.20 -8.02 6.96
N GLY A 409 -21.26 -7.47 7.72
CA GLY A 409 -21.52 -7.21 9.13
C GLY A 409 -20.33 -6.55 9.78
N GLU A 410 -20.31 -6.51 11.10
CA GLU A 410 -19.27 -5.83 11.83
C GLU A 410 -18.59 -6.72 12.86
N THR A 411 -18.71 -8.04 12.66
CA THR A 411 -18.03 -9.02 13.51
C THR A 411 -16.55 -8.71 13.68
N SER A 412 -15.89 -8.42 12.57
CA SER A 412 -14.44 -8.26 12.62
C SER A 412 -14.03 -6.94 13.25
N TYR A 413 -14.90 -5.92 13.15
CA TYR A 413 -14.67 -4.68 13.90
C TYR A 413 -14.65 -4.99 15.39
N ARG A 414 -15.61 -5.79 15.84
CA ARG A 414 -15.73 -6.05 17.27
C ARG A 414 -14.51 -6.77 17.81
N GLY A 415 -14.01 -7.76 17.08
CA GLY A 415 -12.81 -8.47 17.51
C GLY A 415 -11.56 -7.61 17.47
N PHE A 416 -11.47 -6.75 16.46
CA PHE A 416 -10.32 -5.84 16.33
C PHE A 416 -10.28 -4.92 17.54
N TYR A 417 -11.42 -4.30 17.86
CA TYR A 417 -11.44 -3.34 18.96
C TYR A 417 -11.41 -3.97 20.35
N ARG A 418 -11.92 -5.20 20.47
CA ARG A 418 -11.76 -5.93 21.73
C ARG A 418 -10.27 -6.11 22.03
N ALA A 419 -9.50 -6.53 21.02
CA ALA A 419 -8.07 -6.74 21.23
C ALA A 419 -7.36 -5.40 21.48
N TYR A 420 -7.72 -4.37 20.73
CA TYR A 420 -7.18 -3.03 20.95
C TYR A 420 -7.37 -2.53 22.38
N GLN A 421 -8.60 -2.63 22.89
CA GLN A 421 -8.88 -2.16 24.23
C GLN A 421 -8.11 -2.97 25.27
N ALA A 422 -8.01 -4.29 25.04
CA ALA A 422 -7.26 -5.12 25.97
C ALA A 422 -5.79 -4.73 26.03
N HIS A 423 -5.20 -4.36 24.89
CA HIS A 423 -3.82 -3.91 24.88
C HIS A 423 -3.65 -2.53 25.51
N VAL A 424 -4.50 -1.57 25.14
CA VAL A 424 -4.35 -0.20 25.65
C VAL A 424 -4.45 -0.13 27.17
N SER A 425 -5.19 -1.05 27.76
CA SER A 425 -5.41 -1.06 29.20
C SER A 425 -4.44 -1.99 29.94
N SER A 426 -3.51 -2.60 29.20
CA SER A 426 -2.57 -3.57 29.79
C SER A 426 -1.13 -3.09 29.70
N SER A 427 -0.31 -3.50 30.67
CA SER A 427 1.09 -3.06 30.74
C SER A 427 2.05 -4.03 30.07
N ASN A 428 1.59 -5.26 29.80
CA ASN A 428 2.43 -6.27 29.20
C ASN A 428 1.58 -7.41 28.63
N TRP A 429 2.24 -8.38 28.02
CA TRP A 429 1.50 -9.50 27.44
C TRP A 429 0.72 -10.32 28.46
N ALA A 430 1.26 -10.50 29.66
CA ALA A 430 0.54 -11.29 30.67
C ALA A 430 -0.80 -10.65 31.00
N GLU A 431 -0.78 -9.32 31.15
CA GLU A 431 -2.01 -8.59 31.43
C GLU A 431 -2.97 -8.65 30.24
N PHE A 432 -2.46 -8.61 29.01
CA PHE A 432 -3.36 -8.78 27.86
C PHE A 432 -4.04 -10.14 27.92
N GLU A 433 -3.28 -11.17 28.25
CA GLU A 433 -3.84 -12.52 28.29
C GLU A 433 -4.92 -12.59 29.37
N HIS A 434 -4.65 -11.99 30.53
CA HIS A 434 -5.64 -11.98 31.60
C HIS A 434 -6.90 -11.23 31.15
N ALA A 435 -6.71 -10.15 30.41
CA ALA A 435 -7.82 -9.34 29.91
C ALA A 435 -8.54 -10.01 28.76
N SER A 436 -8.03 -11.15 28.30
CA SER A 436 -8.58 -11.79 27.10
C SER A 436 -9.01 -13.23 27.35
N SER A 437 -9.08 -13.62 28.62
CA SER A 437 -9.33 -15.03 28.93
C SER A 437 -10.74 -15.47 28.58
N THR A 438 -11.64 -14.51 28.39
CA THR A 438 -13.00 -14.81 27.94
C THR A 438 -13.34 -14.08 26.65
N TRP A 439 -12.35 -13.98 25.76
CA TRP A 439 -12.49 -13.15 24.57
C TRP A 439 -13.65 -13.56 23.68
N HIS A 440 -13.80 -14.86 23.42
CA HIS A 440 -14.86 -15.24 22.49
C HIS A 440 -16.24 -15.16 23.12
N THR A 441 -16.33 -15.47 24.40
CA THR A 441 -17.57 -15.31 25.13
C THR A 441 -18.07 -13.87 25.08
N GLU A 442 -17.16 -12.91 25.27
CA GLU A 442 -17.54 -11.50 25.19
C GLU A 442 -18.10 -11.17 23.80
N LEU A 443 -17.46 -11.70 22.76
CA LEU A 443 -17.87 -11.36 21.40
C LEU A 443 -19.20 -11.99 20.96
N THR A 444 -19.56 -13.12 21.56
CA THR A 444 -20.77 -13.85 21.12
C THR A 444 -22.00 -13.68 22.01
N LYS A 445 -21.90 -12.81 23.02
CA LYS A 445 -23.03 -12.53 23.92
C LYS A 445 -24.35 -12.26 23.19
N THR A 446 -25.45 -12.53 23.88
CA THR A 446 -26.81 -12.26 23.37
C THR A 446 -27.18 -13.13 22.17
N ILE B 3 26.70 13.78 -23.98
CA ILE B 3 27.22 13.68 -22.62
C ILE B 3 27.96 12.37 -22.39
N ASN B 4 29.15 12.46 -21.81
CA ASN B 4 29.90 11.29 -21.33
C ASN B 4 29.52 11.00 -19.89
N ILE B 5 28.73 9.95 -19.67
CA ILE B 5 28.25 9.63 -18.32
C ILE B 5 29.31 8.97 -17.44
N GLN B 6 30.47 8.67 -18.03
CA GLN B 6 31.59 8.18 -17.21
C GLN B 6 32.28 9.38 -16.57
N GLU B 7 32.13 10.55 -17.18
CA GLU B 7 32.66 11.78 -16.60
C GLU B 7 31.59 12.52 -15.77
N ASP B 8 30.41 12.67 -16.34
CA ASP B 8 29.29 13.29 -15.62
C ASP B 8 28.63 12.18 -14.82
N LYS B 9 29.19 11.90 -13.64
CA LYS B 9 28.89 10.70 -12.87
C LYS B 9 27.44 10.56 -12.43
N LEU B 10 26.75 11.69 -12.29
CA LEU B 10 25.39 11.66 -11.75
C LEU B 10 24.33 11.45 -12.83
N VAL B 11 24.75 11.42 -14.09
CA VAL B 11 23.80 11.36 -15.21
C VAL B 11 23.49 9.93 -15.61
N SER B 12 22.20 9.61 -15.74
CA SER B 12 21.82 8.27 -16.16
C SER B 12 21.94 8.12 -17.68
N ALA B 13 22.08 6.88 -18.14
CA ALA B 13 22.16 6.63 -19.58
C ALA B 13 20.88 7.12 -20.27
N HIS B 14 19.74 6.86 -19.66
CA HIS B 14 18.48 7.33 -20.24
C HIS B 14 18.44 8.86 -20.40
N ASP B 15 18.81 9.58 -19.35
CA ASP B 15 18.79 11.05 -19.42
C ASP B 15 19.75 11.60 -20.48
N ALA B 16 20.92 10.97 -20.62
CA ALA B 16 21.89 11.41 -21.61
C ALA B 16 21.37 11.25 -23.03
N GLU B 17 20.62 10.19 -23.27
CA GLU B 17 20.05 9.94 -24.60
C GLU B 17 18.98 10.97 -24.96
N GLU B 18 18.17 11.36 -23.97
CA GLU B 18 17.12 12.33 -24.20
C GLU B 18 17.66 13.74 -24.47
N ILE B 19 18.77 14.08 -23.84
CA ILE B 19 19.46 15.34 -24.13
C ILE B 19 19.81 15.38 -25.61
N LEU B 20 20.46 14.31 -26.06
CA LEU B 20 20.99 14.22 -27.41
C LEU B 20 19.91 14.49 -28.45
N ARG B 21 18.69 14.07 -28.13
CA ARG B 21 17.56 14.20 -29.02
C ARG B 21 17.22 15.66 -29.36
N PHE B 22 17.40 16.55 -28.38
CA PHE B 22 16.93 17.93 -28.53
C PHE B 22 18.05 18.91 -28.85
N PHE B 23 19.28 18.54 -28.55
CA PHE B 23 20.41 19.45 -28.76
C PHE B 23 20.81 19.53 -30.22
N ASN B 24 20.49 18.48 -30.98
CA ASN B 24 20.78 18.44 -32.41
C ASN B 24 19.93 19.42 -33.21
N CYS B 25 19.15 18.89 -34.15
CA CYS B 25 18.26 19.73 -34.92
C CYS B 25 17.37 20.57 -34.02
N HIS B 26 17.38 21.87 -34.25
CA HIS B 26 16.37 22.71 -33.64
C HIS B 26 15.46 23.26 -34.71
N ASP B 27 14.17 22.99 -34.55
CA ASP B 27 13.16 23.59 -35.42
C ASP B 27 12.26 24.47 -34.57
N SER B 28 12.37 25.77 -34.76
CA SER B 28 11.60 26.73 -33.97
C SER B 28 10.10 26.57 -34.17
N ALA B 29 9.69 26.28 -35.39
CA ALA B 29 8.26 26.12 -35.69
C ALA B 29 7.66 24.93 -34.95
N LEU B 30 8.45 23.87 -34.85
CA LEU B 30 8.03 22.66 -34.17
C LEU B 30 7.86 22.91 -32.67
N GLN B 31 8.72 23.76 -32.11
CA GLN B 31 8.64 24.06 -30.67
C GLN B 31 7.34 24.78 -30.41
N GLN B 32 6.97 25.68 -31.32
CA GLN B 32 5.72 26.42 -31.22
C GLN B 32 4.48 25.54 -31.41
N GLU B 33 4.50 24.63 -32.38
CA GLU B 33 3.42 23.65 -32.50
C GLU B 33 3.27 22.84 -31.21
N ALA B 34 4.39 22.35 -30.70
CA ALA B 34 4.38 21.55 -29.46
C ALA B 34 3.79 22.35 -28.30
N THR B 35 4.16 23.62 -28.22
CA THR B 35 3.66 24.48 -27.16
C THR B 35 2.13 24.63 -27.25
N THR B 36 1.63 24.82 -28.47
CA THR B 36 0.18 24.92 -28.69
C THR B 36 -0.54 23.63 -28.28
N LEU B 37 0.00 22.50 -28.73
CA LEU B 37 -0.56 21.19 -28.46
C LEU B 37 -0.70 20.98 -26.95
N LEU B 38 0.37 21.26 -26.22
CA LEU B 38 0.37 21.01 -24.78
C LEU B 38 -0.50 22.01 -24.03
N THR B 39 -0.55 23.24 -24.50
CA THR B 39 -1.37 24.25 -23.84
C THR B 39 -2.85 23.90 -24.01
N GLN B 40 -3.20 23.45 -25.20
CA GLN B 40 -4.59 23.05 -25.43
C GLN B 40 -4.95 21.81 -24.64
N GLU B 41 -4.03 20.84 -24.54
CA GLU B 41 -4.27 19.64 -23.75
C GLU B 41 -4.49 20.03 -22.30
N ALA B 42 -3.63 20.89 -21.76
CA ALA B 42 -3.75 21.32 -20.37
C ALA B 42 -5.06 22.05 -20.12
N HIS B 43 -5.53 22.84 -21.09
CA HIS B 43 -6.77 23.58 -20.94
C HIS B 43 -7.94 22.61 -20.81
N LEU B 44 -7.98 21.61 -21.69
CA LEU B 44 -9.04 20.61 -21.64
C LEU B 44 -9.03 19.89 -20.29
N LEU B 45 -7.85 19.52 -19.80
CA LEU B 45 -7.77 18.82 -18.52
C LEU B 45 -8.19 19.74 -17.39
N ASP B 46 -7.79 21.02 -17.46
CA ASP B 46 -8.09 21.93 -16.33
C ASP B 46 -9.58 22.16 -16.16
N ILE B 47 -10.33 22.15 -17.26
CA ILE B 47 -11.78 22.35 -17.17
C ILE B 47 -12.53 21.03 -17.00
N GLN B 48 -11.76 19.96 -16.84
CA GLN B 48 -12.27 18.61 -16.60
C GLN B 48 -13.09 18.06 -17.77
N ALA B 49 -12.69 18.46 -18.97
CA ALA B 49 -13.26 17.92 -20.19
C ALA B 49 -12.54 16.63 -20.56
N TYR B 50 -12.71 15.61 -19.72
CA TYR B 50 -11.92 14.40 -19.85
C TYR B 50 -12.29 13.60 -21.11
N ARG B 51 -13.56 13.64 -21.51
CA ARG B 51 -13.93 12.95 -22.75
C ARG B 51 -13.32 13.65 -23.96
N ALA B 52 -13.39 14.98 -23.95
CA ALA B 52 -12.78 15.78 -25.01
C ALA B 52 -11.28 15.54 -25.07
N TRP B 53 -10.64 15.45 -23.91
CA TRP B 53 -9.22 15.12 -23.85
C TRP B 53 -8.93 13.79 -24.55
N LEU B 54 -9.68 12.75 -24.21
CA LEU B 54 -9.50 11.45 -24.88
C LEU B 54 -9.68 11.56 -26.38
N GLU B 55 -10.73 12.27 -26.79
CA GLU B 55 -11.10 12.32 -28.21
C GLU B 55 -10.09 13.09 -29.04
N HIS B 56 -9.58 14.17 -28.47
CA HIS B 56 -8.80 15.12 -29.22
C HIS B 56 -7.29 15.00 -28.99
N CYS B 57 -6.90 14.45 -27.84
CA CYS B 57 -5.50 14.49 -27.45
C CYS B 57 -4.80 13.14 -27.35
N VAL B 58 -5.57 12.07 -27.20
CA VAL B 58 -5.01 10.77 -26.85
C VAL B 58 -5.18 9.74 -27.97
N GLY B 59 -4.06 9.18 -28.43
CA GLY B 59 -4.10 8.21 -29.52
C GLY B 59 -4.58 6.83 -29.06
N SER B 60 -5.17 6.07 -29.97
CA SER B 60 -5.69 4.76 -29.60
C SER B 60 -4.60 3.81 -29.10
N GLU B 61 -3.37 4.02 -29.54
CA GLU B 61 -2.27 3.13 -29.16
C GLU B 61 -1.46 3.63 -27.94
N VAL B 62 -2.02 4.57 -27.19
CA VAL B 62 -1.27 5.21 -26.11
C VAL B 62 -0.78 4.25 -25.01
N GLN B 63 0.41 4.54 -24.48
CA GLN B 63 0.84 4.05 -23.16
C GLN B 63 1.04 5.28 -22.30
N TYR B 64 0.29 5.38 -21.21
CA TYR B 64 0.34 6.54 -20.32
C TYR B 64 0.92 6.05 -19.00
N GLN B 65 2.17 6.40 -18.71
CA GLN B 65 2.92 5.75 -17.65
C GLN B 65 3.55 6.73 -16.69
N VAL B 66 3.31 6.54 -15.40
CA VAL B 66 3.97 7.33 -14.36
C VAL B 66 4.58 6.33 -13.38
N ILE B 67 5.89 6.38 -13.18
CA ILE B 67 6.53 5.43 -12.26
C ILE B 67 7.01 6.05 -10.97
N SER B 68 7.22 5.21 -9.98
CA SER B 68 7.85 5.62 -8.73
C SER B 68 9.04 4.69 -8.52
N ARG B 69 10.24 5.27 -8.49
CA ARG B 69 11.47 4.50 -8.39
C ARG B 69 11.91 4.33 -6.94
N GLU B 70 12.21 3.10 -6.54
CA GLU B 70 12.69 2.83 -5.19
C GLU B 70 14.03 3.53 -4.96
N LEU B 71 14.24 4.06 -3.76
CA LEU B 71 15.49 4.74 -3.43
C LEU B 71 16.58 3.71 -3.20
N ARG B 72 17.64 3.77 -4.00
CA ARG B 72 18.75 2.82 -3.92
C ARG B 72 20.05 3.59 -3.80
N ALA B 73 21.10 2.91 -3.34
CA ALA B 73 22.39 3.56 -3.16
C ALA B 73 22.97 3.96 -4.49
N ALA B 74 23.60 5.13 -4.54
CA ALA B 74 24.23 5.57 -5.78
C ALA B 74 25.29 4.57 -6.24
N SER B 75 25.92 3.90 -5.26
CA SER B 75 26.97 2.92 -5.54
C SER B 75 26.46 1.49 -5.67
N GLU B 76 25.14 1.32 -5.69
CA GLU B 76 24.55 -0.03 -5.76
C GLU B 76 24.77 -0.72 -7.10
N ARG B 77 25.28 -1.94 -7.04
CA ARG B 77 25.58 -2.73 -8.24
C ARG B 77 25.05 -4.17 -8.19
N ARG B 78 24.68 -4.65 -7.01
CA ARG B 78 24.29 -6.05 -6.86
C ARG B 78 22.79 -6.33 -6.80
N TYR B 79 22.06 -5.51 -6.06
CA TYR B 79 20.61 -5.72 -5.85
C TYR B 79 19.88 -5.39 -7.14
N LYS B 80 19.25 -6.40 -7.75
CA LYS B 80 18.69 -6.25 -9.09
C LYS B 80 17.18 -6.57 -9.23
N LEU B 81 16.41 -6.35 -8.16
CA LEU B 81 14.97 -6.58 -8.22
C LEU B 81 14.26 -5.34 -8.76
N ASN B 82 12.98 -5.49 -9.11
CA ASN B 82 12.16 -4.42 -9.71
C ASN B 82 12.51 -3.05 -9.15
N GLU B 83 12.97 -2.16 -10.03
CA GLU B 83 13.44 -0.84 -9.62
C GLU B 83 12.32 0.15 -9.38
N ALA B 84 11.20 -0.04 -10.07
CA ALA B 84 10.10 0.92 -9.97
C ALA B 84 8.76 0.22 -9.98
N MET B 85 7.73 0.91 -9.49
CA MET B 85 6.36 0.44 -9.65
C MET B 85 5.62 1.42 -10.54
N ASN B 86 4.47 1.01 -11.07
CA ASN B 86 3.69 1.85 -11.98
C ASN B 86 2.52 2.50 -11.25
N VAL B 87 2.60 3.80 -11.02
CA VAL B 87 1.48 4.56 -10.49
C VAL B 87 0.38 4.59 -11.55
N TYR B 88 0.80 4.81 -12.80
CA TYR B 88 -0.06 4.66 -13.97
C TYR B 88 0.70 3.82 -14.99
N ASN B 89 0.00 2.94 -15.69
CA ASN B 89 0.58 2.31 -16.89
C ASN B 89 -0.58 1.87 -17.74
N GLU B 90 -1.18 2.85 -18.41
CA GLU B 90 -2.52 2.72 -18.95
C GLU B 90 -2.54 2.66 -20.46
N ASN B 91 -3.34 1.75 -20.99
CA ASN B 91 -3.68 1.83 -22.41
C ASN B 91 -4.93 2.69 -22.57
N PHE B 92 -5.41 2.85 -23.80
CA PHE B 92 -6.55 3.72 -24.03
C PHE B 92 -7.79 3.27 -23.24
N GLN B 93 -8.07 1.97 -23.24
CA GLN B 93 -9.25 1.51 -22.50
C GLN B 93 -9.15 1.76 -21.00
N GLN B 94 -7.94 1.68 -20.47
CA GLN B 94 -7.74 1.92 -19.04
C GLN B 94 -7.89 3.40 -18.72
N LEU B 95 -7.40 4.28 -19.60
CA LEU B 95 -7.71 5.70 -19.47
C LEU B 95 -9.21 5.95 -19.52
N LYS B 96 -9.90 5.28 -20.45
CA LYS B 96 -11.35 5.44 -20.53
C LYS B 96 -12.05 5.04 -19.22
N VAL B 97 -11.60 3.96 -18.59
CA VAL B 97 -12.16 3.55 -17.30
C VAL B 97 -11.99 4.69 -16.28
N ARG B 98 -10.80 5.29 -16.26
CA ARG B 98 -10.53 6.35 -15.29
C ARG B 98 -11.37 7.57 -15.61
N VAL B 99 -11.58 7.83 -16.91
CA VAL B 99 -12.41 8.96 -17.30
C VAL B 99 -13.86 8.75 -16.88
N GLU B 100 -14.40 7.56 -17.10
CA GLU B 100 -15.75 7.25 -16.67
C GLU B 100 -15.90 7.33 -15.15
N HIS B 101 -14.86 6.92 -14.43
CA HIS B 101 -14.85 7.01 -12.98
C HIS B 101 -14.94 8.47 -12.53
N GLN B 102 -14.23 9.37 -13.22
CA GLN B 102 -14.33 10.79 -12.91
C GLN B 102 -15.72 11.35 -13.18
N LEU B 103 -16.35 10.87 -14.24
CA LEU B 103 -17.60 11.47 -14.68
C LEU B 103 -18.83 10.86 -14.03
N ASP B 104 -18.65 9.75 -13.31
CA ASP B 104 -19.77 9.03 -12.70
C ASP B 104 -20.46 9.90 -11.66
N PRO B 105 -21.79 9.98 -11.71
CA PRO B 105 -22.48 10.86 -10.78
C PRO B 105 -22.48 10.36 -9.33
N GLN B 106 -21.96 9.16 -9.10
CA GLN B 106 -21.81 8.66 -7.73
C GLN B 106 -20.36 8.70 -7.30
N ASN B 107 -19.53 9.44 -8.03
CA ASN B 107 -18.18 9.71 -7.55
C ASN B 107 -18.32 10.83 -6.52
N TRP B 108 -18.48 10.43 -5.25
CA TRP B 108 -18.82 11.39 -4.22
C TRP B 108 -17.69 12.41 -3.99
N GLY B 109 -16.47 11.99 -4.27
CA GLY B 109 -15.31 12.85 -4.04
C GLY B 109 -15.25 14.02 -4.99
N ASN B 110 -16.04 13.97 -6.07
CA ASN B 110 -16.06 15.07 -7.03
C ASN B 110 -17.15 16.11 -6.75
N SER B 111 -17.75 16.04 -5.57
CA SER B 111 -18.73 17.04 -5.15
C SER B 111 -18.36 17.55 -3.76
N PRO B 112 -18.11 18.85 -3.63
CA PRO B 112 -18.17 19.91 -4.66
C PRO B 112 -17.05 19.76 -5.69
N LYS B 113 -17.29 20.31 -6.87
CA LYS B 113 -16.38 20.19 -7.99
C LYS B 113 -14.97 20.62 -7.65
N LEU B 114 -14.00 19.81 -8.08
CA LEU B 114 -12.58 20.12 -7.89
C LEU B 114 -12.18 21.30 -8.75
N ARG B 115 -11.06 21.92 -8.42
CA ARG B 115 -10.49 22.97 -9.26
C ARG B 115 -9.06 22.62 -9.60
N PHE B 116 -8.76 22.60 -10.91
CA PHE B 116 -7.43 22.29 -11.42
C PHE B 116 -6.84 23.49 -12.16
N THR B 117 -5.55 23.71 -11.95
CA THR B 117 -4.81 24.72 -12.71
C THR B 117 -3.45 24.11 -13.06
N ARG B 118 -3.14 24.03 -14.35
CA ARG B 118 -1.88 23.44 -14.82
C ARG B 118 -0.94 24.47 -15.42
N PHE B 119 0.35 24.34 -15.12
CA PHE B 119 1.36 25.25 -15.64
C PHE B 119 2.38 24.43 -16.41
N ILE B 120 2.42 24.62 -17.72
CA ILE B 120 3.32 23.83 -18.58
C ILE B 120 4.46 24.71 -19.01
N THR B 121 5.71 24.24 -18.81
CA THR B 121 6.89 25.04 -19.15
C THR B 121 7.97 24.17 -19.79
N ASN B 122 9.06 24.82 -20.22
CA ASN B 122 10.25 24.10 -20.69
C ASN B 122 9.96 23.14 -21.85
N VAL B 123 9.14 23.58 -22.78
CA VAL B 123 8.76 22.72 -23.92
C VAL B 123 9.93 22.55 -24.90
N GLN B 124 10.23 21.30 -25.27
CA GLN B 124 11.19 20.98 -26.31
C GLN B 124 10.55 19.97 -27.25
N ALA B 125 10.86 20.08 -28.53
CA ALA B 125 10.27 19.16 -29.51
C ALA B 125 11.29 18.77 -30.57
N ALA B 126 11.27 17.50 -30.96
CA ALA B 126 12.12 17.01 -32.04
C ALA B 126 11.44 15.87 -32.76
N MET B 127 11.55 15.84 -34.08
CA MET B 127 11.03 14.70 -34.82
C MET B 127 11.92 13.49 -34.60
N ASP B 128 11.30 12.31 -34.61
CA ASP B 128 12.06 11.06 -34.53
C ASP B 128 12.90 10.90 -35.80
N VAL B 129 14.09 10.31 -35.63
CA VAL B 129 15.04 10.11 -36.72
C VAL B 129 14.54 9.07 -37.73
N ASN B 130 13.87 8.03 -37.22
CA ASN B 130 13.47 6.87 -38.02
C ASN B 130 12.01 6.87 -38.40
N ASP B 131 11.16 7.36 -37.50
CA ASP B 131 9.74 7.50 -37.76
C ASP B 131 9.46 8.99 -37.96
N LYS B 132 9.53 9.42 -39.21
CA LYS B 132 9.40 10.85 -39.55
C LYS B 132 8.02 11.40 -39.20
N GLU B 133 7.15 10.55 -38.70
CA GLU B 133 5.82 10.95 -38.29
C GLU B 133 5.65 10.93 -36.77
N LEU B 134 6.74 10.66 -36.07
CA LEU B 134 6.70 10.61 -34.61
C LEU B 134 7.38 11.85 -34.04
N LEU B 135 6.67 12.57 -33.19
CA LEU B 135 7.21 13.78 -32.58
C LEU B 135 7.49 13.54 -31.09
N HIS B 136 8.74 13.76 -30.69
CA HIS B 136 9.11 13.70 -29.26
C HIS B 136 8.91 15.07 -28.67
N ILE B 137 8.18 15.15 -27.56
CA ILE B 137 7.97 16.43 -26.88
C ILE B 137 8.31 16.24 -25.41
N ARG B 138 9.16 17.11 -24.88
CA ARG B 138 9.44 17.10 -23.43
C ARG B 138 8.87 18.37 -22.85
N SER B 139 8.28 18.28 -21.66
CA SER B 139 7.76 19.49 -20.99
C SER B 139 7.66 19.22 -19.50
N ASN B 140 7.66 20.28 -18.70
CA ASN B 140 7.51 20.15 -17.26
C ASN B 140 6.15 20.71 -16.85
N VAL B 141 5.55 20.11 -15.82
CA VAL B 141 4.24 20.57 -15.38
C VAL B 141 4.22 20.80 -13.87
N ILE B 142 3.59 21.91 -13.49
CA ILE B 142 3.13 22.12 -12.12
C ILE B 142 1.61 21.98 -12.15
N LEU B 143 1.07 21.12 -11.32
CA LEU B 143 -0.38 20.92 -11.33
C LEU B 143 -0.93 21.25 -9.94
N HIS B 144 -1.85 22.20 -9.88
CA HIS B 144 -2.45 22.64 -8.62
C HIS B 144 -3.88 22.10 -8.57
N ARG B 145 -4.19 21.33 -7.51
CA ARG B 145 -5.53 20.78 -7.32
C ARG B 145 -6.09 21.30 -6.01
N ALA B 146 -7.24 21.95 -6.06
CA ALA B 146 -7.84 22.50 -4.84
C ALA B 146 -9.24 21.96 -4.67
N ARG B 147 -9.60 21.60 -3.44
CA ARG B 147 -10.94 21.08 -3.21
C ARG B 147 -11.36 21.28 -1.76
N ARG B 148 -12.67 21.40 -1.56
CA ARG B 148 -13.26 21.33 -0.21
C ARG B 148 -12.73 22.33 0.81
N GLY B 149 -12.58 23.56 0.33
CA GLY B 149 -12.29 24.69 1.17
C GLY B 149 -10.80 24.86 1.38
N ASN B 150 -10.18 23.85 1.98
CA ASN B 150 -8.79 24.05 2.37
C ASN B 150 -7.81 22.95 2.00
N GLN B 151 -8.19 22.07 1.09
CA GLN B 151 -7.25 21.07 0.59
C GLN B 151 -6.57 21.59 -0.66
N VAL B 152 -5.25 21.63 -0.63
CA VAL B 152 -4.46 22.07 -1.79
C VAL B 152 -3.29 21.12 -1.99
N ASP B 153 -3.18 20.57 -3.19
CA ASP B 153 -2.10 19.64 -3.52
C ASP B 153 -1.41 20.14 -4.77
N VAL B 154 -0.09 20.18 -4.74
CA VAL B 154 0.66 20.67 -5.88
C VAL B 154 1.63 19.59 -6.33
N PHE B 155 1.54 19.24 -7.60
CA PHE B 155 2.37 18.18 -8.20
C PHE B 155 3.39 18.80 -9.15
N TYR B 156 4.56 18.17 -9.26
CA TYR B 156 5.67 18.70 -10.07
C TYR B 156 6.27 17.53 -10.84
N ALA B 157 6.42 17.66 -12.15
CA ALA B 157 6.99 16.55 -12.94
C ALA B 157 7.52 16.96 -14.29
N ALA B 158 8.44 16.15 -14.81
CA ALA B 158 8.90 16.27 -16.18
C ALA B 158 8.22 15.17 -16.99
N ARG B 159 7.79 15.49 -18.21
CA ARG B 159 7.05 14.53 -19.03
C ARG B 159 7.81 14.25 -20.32
N GLU B 160 8.04 12.98 -20.60
CA GLU B 160 8.61 12.58 -21.89
C GLU B 160 7.51 12.00 -22.75
N ASP B 161 7.11 12.74 -23.80
CA ASP B 161 5.97 12.37 -24.63
C ASP B 161 6.42 11.98 -26.03
N LYS B 162 5.62 11.12 -26.66
CA LYS B 162 5.64 10.93 -28.11
C LYS B 162 4.24 11.24 -28.63
N TRP B 163 4.17 12.05 -29.69
CA TRP B 163 2.89 12.42 -30.28
C TRP B 163 2.93 12.05 -31.76
N LYS B 164 1.79 11.64 -32.30
CA LYS B 164 1.73 11.22 -33.71
C LYS B 164 0.41 11.63 -34.35
N ARG B 165 0.44 12.02 -35.63
CA ARG B 165 -0.81 12.34 -36.34
C ARG B 165 -1.70 11.12 -36.51
N GLY B 166 -2.95 11.24 -36.06
CA GLY B 166 -3.92 10.17 -36.21
C GLY B 166 -5.10 10.63 -37.03
N GLU B 167 -6.30 10.23 -36.59
CA GLU B 167 -7.56 10.58 -37.27
C GLU B 167 -7.68 12.07 -37.59
N GLY B 168 -7.91 12.37 -38.87
CA GLY B 168 -8.08 13.75 -39.31
C GLY B 168 -6.80 14.56 -39.34
N GLY B 169 -5.67 13.89 -39.17
CA GLY B 169 -4.38 14.58 -39.15
C GLY B 169 -4.09 15.27 -37.84
N VAL B 170 -4.93 15.01 -36.83
CA VAL B 170 -4.76 15.60 -35.51
C VAL B 170 -3.63 14.89 -34.76
N ARG B 171 -2.67 15.66 -34.24
CA ARG B 171 -1.58 15.09 -33.42
C ARG B 171 -2.11 14.60 -32.09
N LYS B 172 -1.79 13.36 -31.75
CA LYS B 172 -2.28 12.78 -30.50
C LYS B 172 -1.18 12.11 -29.72
N LEU B 173 -1.39 12.03 -28.41
CA LEU B 173 -0.42 11.41 -27.53
C LEU B 173 -0.38 9.90 -27.70
N VAL B 174 0.80 9.35 -28.03
CA VAL B 174 0.94 7.89 -28.09
C VAL B 174 1.81 7.32 -26.98
N GLN B 175 2.58 8.18 -26.31
CA GLN B 175 3.26 7.74 -25.11
C GLN B 175 3.52 8.93 -24.20
N ARG B 176 3.24 8.78 -22.92
CA ARG B 176 3.72 9.73 -21.93
C ARG B 176 4.46 8.92 -20.88
N PHE B 177 5.65 9.37 -20.53
CA PHE B 177 6.41 8.75 -19.45
C PHE B 177 6.82 9.81 -18.43
N VAL B 178 6.49 9.56 -17.17
CA VAL B 178 6.91 10.42 -16.06
C VAL B 178 7.57 9.55 -15.00
N ASP B 179 8.74 9.95 -14.55
CA ASP B 179 9.39 9.31 -13.42
C ASP B 179 9.13 10.27 -12.26
N TYR B 180 8.14 9.98 -11.40
CA TYR B 180 7.68 10.99 -10.44
C TYR B 180 8.78 11.34 -9.42
N PRO B 181 9.03 12.62 -9.19
CA PRO B 181 10.26 12.93 -8.44
C PRO B 181 10.17 12.73 -6.94
N GLU B 182 8.97 12.73 -6.36
CA GLU B 182 8.84 12.50 -4.92
C GLU B 182 8.49 11.05 -4.65
N ARG B 183 9.29 10.38 -3.83
CA ARG B 183 9.07 8.96 -3.58
C ARG B 183 7.86 8.71 -2.69
N ILE B 184 7.69 9.51 -1.64
CA ILE B 184 6.51 9.38 -0.79
C ILE B 184 5.60 10.56 -1.10
N LEU B 185 4.41 10.28 -1.63
CA LEU B 185 3.50 11.36 -2.01
C LEU B 185 2.92 12.05 -0.78
N GLN B 186 2.91 13.39 -0.81
CA GLN B 186 2.31 14.18 0.28
C GLN B 186 1.11 14.97 -0.22
N THR B 187 0.38 14.36 -1.15
CA THR B 187 -0.74 14.99 -1.84
C THR B 187 -2.02 14.17 -1.72
N HIS B 188 -2.08 13.29 -0.72
CA HIS B 188 -3.21 12.37 -0.48
C HIS B 188 -3.32 11.21 -1.49
N ASN B 189 -3.04 11.52 -2.76
CA ASN B 189 -3.05 10.51 -3.81
C ASN B 189 -2.41 11.14 -5.05
N LEU B 190 -2.24 10.36 -6.11
CA LEU B 190 -1.79 10.92 -7.40
C LEU B 190 -2.89 10.80 -8.47
N MET B 191 -4.13 11.03 -8.04
CA MET B 191 -5.30 10.88 -8.91
C MET B 191 -5.51 12.09 -9.79
N VAL B 192 -4.45 12.49 -10.49
CA VAL B 192 -4.50 13.58 -11.46
C VAL B 192 -3.79 13.11 -12.73
N PHE B 193 -4.21 13.64 -13.88
CA PHE B 193 -3.53 13.35 -15.12
C PHE B 193 -2.41 14.35 -15.31
N LEU B 194 -1.17 13.88 -15.13
CA LEU B 194 -0.01 14.72 -15.37
C LEU B 194 0.21 14.78 -16.86
C1 EDO C . 7.02 1.05 18.21
O1 EDO C . 8.33 0.92 18.75
C2 EDO C . 6.56 2.50 18.31
O2 EDO C . 7.18 3.27 17.25
C1 EDO D . -19.42 9.51 16.30
O1 EDO D . -19.10 10.90 16.50
C2 EDO D . -20.84 9.32 15.80
O2 EDO D . -21.77 9.64 16.84
S SO4 E . 35.71 -5.51 21.55
O1 SO4 E . 35.91 -4.10 21.18
O2 SO4 E . 34.46 -5.66 22.29
O3 SO4 E . 35.68 -6.32 20.33
O4 SO4 E . 36.82 -5.96 22.40
FE1 FES F . 29.04 9.03 14.93
FE2 FES F . 27.39 7.43 13.59
S1 FES F . 29.58 7.34 13.66
S2 FES F . 26.85 9.21 14.73
FE FE G . -13.07 0.78 0.37
O08 UNU H . -11.65 -2.94 0.87
C07 UNU H . -12.44 -3.70 1.42
N09 UNU H . -12.72 -3.63 2.72
C06 UNU H . -13.11 -4.75 0.57
C01 UNU H . -12.86 -4.78 -0.79
C05 UNU H . -13.96 -5.69 1.15
C04 UNU H . -14.57 -6.65 0.34
C03 UNU H . -14.32 -6.68 -1.02
C02 UNU H . -13.47 -5.74 -1.60
C1 EDO I . 18.19 -9.96 -5.07
O1 EDO I . 19.17 -10.80 -4.46
C2 EDO I . 18.49 -9.79 -6.56
O2 EDO I . 19.68 -9.01 -6.72
C1 EDO J . 39.98 4.61 8.86
O1 EDO J . 38.87 3.70 8.76
C2 EDO J . 41.09 4.02 9.72
O2 EDO J . 40.55 3.11 10.70
S SO4 K . -8.90 -19.24 24.54
O1 SO4 K . -8.51 -18.07 25.35
O2 SO4 K . -10.29 -19.62 24.87
O3 SO4 K . -8.76 -18.97 23.12
O4 SO4 K . -8.01 -20.35 24.89
C1 EDO L . -6.94 11.09 -13.28
O1 EDO L . -6.58 10.37 -12.09
C2 EDO L . -8.24 11.86 -13.07
O2 EDO L . -7.99 13.03 -12.26
C1 EDO M . -2.39 -5.22 -20.05
O1 EDO M . -3.06 -4.26 -19.21
C2 EDO M . -2.55 -4.82 -21.51
O2 EDO M . -1.81 -3.63 -21.81
C1 EDO N . 11.72 11.38 -17.20
O1 EDO N . 12.63 12.46 -16.99
C2 EDO N . 10.31 11.91 -17.12
O2 EDO N . 9.98 12.28 -15.77
S SO4 O . 7.72 -0.64 -19.75
O1 SO4 O . 7.66 -0.38 -18.30
O2 SO4 O . 6.37 -0.72 -20.30
O3 SO4 O . 8.45 0.44 -20.41
O4 SO4 O . 8.42 -1.91 -19.98
S SO4 P . -6.52 7.78 -33.33
O1 SO4 P . -6.62 9.21 -33.60
O2 SO4 P . -7.78 7.28 -32.79
O3 SO4 P . -6.16 7.06 -34.55
O4 SO4 P . -5.48 7.51 -32.34
C1 EDO Q . 9.55 -0.06 -14.04
O1 EDO Q . 8.15 0.04 -13.72
C2 EDO Q . 10.11 -1.46 -13.79
O2 EDO Q . 11.02 -1.54 -12.68
#